data_6XVW
#
_entry.id   6XVW
#
_cell.length_a   68.172
_cell.length_b   86.727
_cell.length_c   127.635
_cell.angle_alpha   90.000
_cell.angle_beta   90.000
_cell.angle_gamma   90.000
#
_symmetry.space_group_name_H-M   'P 21 21 21'
#
loop_
_entity.id
_entity.type
_entity.pdbx_description
1 polymer 'Poly [ADP-ribose] polymerase 1'
2 non-polymer 'NICKEL (II) ION'
3 non-polymer 1,2-ETHANEDIOL
4 non-polymer 2-[2-(4-pyridin-2-ylpiperazin-1-yl)ethylsulfanyl]-3~{H}-quinazolin-4-one
5 water water
#
_entity_poly.entity_id   1
_entity_poly.type   'polypeptide(L)'
_entity_poly.pdbx_seq_one_letter_code
;HMSKLPKPVQDLIKMIFDVESMKKAMVEYEIDLQKMPLGKLSKRQIQAAYSILSEVQQAVSQGSSDSQILDLSNRFYTLI
PHDFGMKKPPLLNNADSVQAKVEMLDNLLDIEVAYSLLRGGSDDSSKDPIDVNYEKLKTDIKVVDRDSEEAEIIRKYVKN
THATTHNAYDLEVIDIFKIEREGECQRYKPFKQLHNRRLLWHGSRTTNFAGILSQGLRIAPPEAPVTGYMFGKGIYFADM
VSKSANYCHTSQGDPIGLILLGEVALGNMYELKHASHISKLPKGKHSVKGLGKTTPDPSANISLDGVDVPLGTGISSGVN
DTSLLYNEYIVYDIAQVNLKYLLKLKFNFKTSLW
;
_entity_poly.pdbx_strand_id   A,B
#
loop_
_chem_comp.id
_chem_comp.type
_chem_comp.name
_chem_comp.formula
EDO non-polymer 1,2-ETHANEDIOL 'C2 H6 O2'
NI non-polymer 'NICKEL (II) ION' 'Ni 2'
O3H non-polymer 2-[2-(4-pyridin-2-ylpiperazin-1-yl)ethylsulfanyl]-3~{H}-quinazolin-4-one 'C19 H21 N5 O S'
#
# COMPACT_ATOMS: atom_id res chain seq x y z
N HIS A 1 -3.95 -6.03 48.17
CA HIS A 1 -3.55 -4.78 48.80
C HIS A 1 -4.76 -4.06 49.40
N MET A 2 -4.69 -2.73 49.47
CA MET A 2 -5.74 -1.90 50.05
C MET A 2 -6.42 -1.02 49.01
N SER A 3 -6.54 -1.50 47.78
CA SER A 3 -7.09 -0.69 46.71
C SER A 3 -8.60 -0.55 46.84
N LYS A 4 -9.10 0.65 46.53
CA LYS A 4 -10.53 0.91 46.51
C LYS A 4 -11.11 0.99 45.10
N LEU A 5 -10.28 0.82 44.08
CA LEU A 5 -10.75 0.79 42.71
C LEU A 5 -11.41 -0.55 42.41
N PRO A 6 -12.31 -0.59 41.43
CA PRO A 6 -12.86 -1.88 41.01
C PRO A 6 -11.76 -2.80 40.53
N LYS A 7 -11.98 -4.10 40.70
CA LYS A 7 -10.96 -5.09 40.32
C LYS A 7 -10.54 -4.99 38.86
N PRO A 8 -11.42 -4.82 37.88
CA PRO A 8 -10.93 -4.64 36.50
C PRO A 8 -10.05 -3.42 36.33
N VAL A 9 -10.30 -2.35 37.08
CA VAL A 9 -9.46 -1.16 36.96
C VAL A 9 -8.10 -1.41 37.58
N GLN A 10 -8.04 -2.14 38.70
CA GLN A 10 -6.77 -2.49 39.31
C GLN A 10 -5.92 -3.32 38.35
N ASP A 11 -6.52 -4.31 37.70
CA ASP A 11 -5.78 -5.16 36.77
C ASP A 11 -5.24 -4.34 35.60
N LEU A 12 -6.01 -3.38 35.12
CA LEU A 12 -5.54 -2.51 34.04
C LEU A 12 -4.34 -1.69 34.49
N ILE A 13 -4.36 -1.21 35.73
CA ILE A 13 -3.24 -0.42 36.24
C ILE A 13 -1.98 -1.28 36.31
N LYS A 14 -2.10 -2.48 36.88
CA LYS A 14 -0.95 -3.39 36.92
C LYS A 14 -0.48 -3.75 35.53
N MET A 15 -1.39 -3.76 34.55
CA MET A 15 -1.01 -4.13 33.19
C MET A 15 -0.16 -3.05 32.53
N ILE A 16 -0.57 -1.78 32.64
CA ILE A 16 0.07 -0.70 31.90
C ILE A 16 1.30 -0.14 32.61
N PHE A 17 1.48 -0.41 33.90
CA PHE A 17 2.68 -0.02 34.62
C PHE A 17 3.62 -1.20 34.84
N ASP A 18 3.51 -2.24 34.03
CA ASP A 18 4.36 -3.43 34.13
C ASP A 18 5.72 -3.11 33.53
N VAL A 19 6.75 -3.04 34.38
CA VAL A 19 8.09 -2.72 33.88
C VAL A 19 8.64 -3.88 33.06
N GLU A 20 8.27 -5.12 33.40
CA GLU A 20 8.73 -6.24 32.59
C GLU A 20 8.14 -6.18 31.18
N SER A 21 6.90 -5.69 31.06
CA SER A 21 6.32 -5.46 29.74
C SER A 21 7.11 -4.42 28.96
N MET A 22 7.58 -3.37 29.65
CA MET A 22 8.36 -2.34 28.97
C MET A 22 9.69 -2.89 28.45
N LYS A 23 10.35 -3.73 29.25
CA LYS A 23 11.62 -4.30 28.82
C LYS A 23 11.44 -5.24 27.63
N LYS A 24 10.37 -6.04 27.64
CA LYS A 24 10.11 -6.95 26.52
C LYS A 24 9.81 -6.19 25.24
N ALA A 25 9.15 -5.04 25.34
CA ALA A 25 8.92 -4.22 24.16
C ALA A 25 10.23 -3.72 23.58
N MET A 26 11.17 -3.33 24.44
CA MET A 26 12.48 -2.88 23.96
C MET A 26 13.28 -4.03 23.38
N VAL A 27 13.22 -5.21 24.01
CA VAL A 27 13.90 -6.39 23.47
C VAL A 27 13.29 -6.78 22.13
N GLU A 28 11.97 -6.63 22.00
CA GLU A 28 11.31 -6.93 20.73
C GLU A 28 11.92 -6.10 19.59
N TYR A 29 12.29 -4.85 19.87
CA TYR A 29 12.98 -4.01 18.91
C TYR A 29 14.49 -4.23 18.92
N GLU A 30 14.95 -5.30 19.57
CA GLU A 30 16.36 -5.70 19.57
C GLU A 30 17.27 -4.63 20.18
N ILE A 31 16.73 -3.85 21.12
CA ILE A 31 17.54 -2.90 21.86
C ILE A 31 18.32 -3.63 22.95
N ASP A 32 19.58 -3.27 23.12
CA ASP A 32 20.45 -3.91 24.11
C ASP A 32 20.14 -3.33 25.48
N LEU A 33 19.48 -4.13 26.33
CA LEU A 33 19.15 -3.69 27.67
C LEU A 33 20.38 -3.60 28.58
N GLN A 34 21.46 -4.30 28.23
CA GLN A 34 22.68 -4.22 29.04
C GLN A 34 23.37 -2.87 28.86
N LYS A 35 23.54 -2.43 27.61
CA LYS A 35 24.19 -1.16 27.33
C LYS A 35 23.26 0.03 27.55
N MET A 36 21.96 -0.21 27.62
CA MET A 36 21.00 0.88 27.83
C MET A 36 19.75 0.32 28.47
N PRO A 37 19.73 0.23 29.80
CA PRO A 37 18.55 -0.30 30.48
C PRO A 37 17.36 0.66 30.43
N LEU A 38 16.23 0.21 30.98
CA LEU A 38 15.02 1.03 30.97
C LEU A 38 15.21 2.34 31.73
N GLY A 39 16.09 2.34 32.75
CA GLY A 39 16.30 3.54 33.53
C GLY A 39 17.06 4.62 32.80
N LYS A 40 17.96 4.24 31.90
CA LYS A 40 18.76 5.21 31.17
C LYS A 40 17.98 5.93 30.08
N LEU A 41 16.81 5.40 29.69
CA LEU A 41 16.03 5.99 28.61
C LEU A 41 15.61 7.41 28.95
N SER A 42 15.81 8.34 28.01
CA SER A 42 15.53 9.74 28.23
C SER A 42 14.91 10.35 26.98
N LYS A 43 14.14 11.44 27.19
CA LYS A 43 13.46 12.09 26.08
C LYS A 43 14.44 12.79 25.14
N ARG A 44 15.47 13.43 25.70
N ARG A 44 15.47 13.43 25.71
CA ARG A 44 16.45 14.12 24.87
CA ARG A 44 16.46 14.11 24.87
C ARG A 44 17.18 13.14 23.95
C ARG A 44 17.20 13.14 23.97
N GLN A 45 17.37 11.89 24.41
CA GLN A 45 18.03 10.90 23.58
C GLN A 45 17.10 10.42 22.46
N ILE A 46 15.83 10.18 22.78
CA ILE A 46 14.85 9.87 21.74
C ILE A 46 14.71 11.03 20.77
N GLN A 47 14.76 12.26 21.30
CA GLN A 47 14.69 13.45 20.47
C GLN A 47 15.87 13.51 19.49
N ALA A 48 17.07 13.18 19.97
CA ALA A 48 18.23 13.21 19.09
C ALA A 48 18.21 12.06 18.09
N ALA A 49 17.66 10.91 18.48
CA ALA A 49 17.54 9.79 17.55
C ALA A 49 16.54 10.10 16.44
N TYR A 50 15.44 10.76 16.79
CA TYR A 50 14.49 11.24 15.78
C TYR A 50 15.20 12.12 14.76
N SER A 51 15.99 13.07 15.25
CA SER A 51 16.68 14.00 14.36
C SER A 51 17.70 13.30 13.48
N ILE A 52 18.32 12.22 13.97
CA ILE A 52 19.23 11.45 13.14
C ILE A 52 18.49 10.83 11.97
N LEU A 53 17.31 10.24 12.25
CA LEU A 53 16.48 9.71 11.17
C LEU A 53 16.03 10.81 10.22
N SER A 54 15.83 12.03 10.73
CA SER A 54 15.49 13.15 9.85
C SER A 54 16.67 13.54 8.97
N GLU A 55 17.90 13.29 9.44
CA GLU A 55 19.06 13.51 8.59
C GLU A 55 19.10 12.49 7.46
N VAL A 56 18.78 11.23 7.76
CA VAL A 56 18.68 10.22 6.71
C VAL A 56 17.59 10.60 5.72
N GLN A 57 16.50 11.18 6.20
CA GLN A 57 15.44 11.65 5.31
C GLN A 57 15.98 12.69 4.33
N GLN A 58 16.69 13.69 4.85
CA GLN A 58 17.31 14.69 3.98
C GLN A 58 18.35 14.06 3.05
N ALA A 59 19.15 13.13 3.59
CA ALA A 59 20.17 12.48 2.76
C ALA A 59 19.54 11.68 1.63
N VAL A 60 18.50 10.91 1.93
CA VAL A 60 17.79 10.18 0.89
C VAL A 60 17.13 11.15 -0.08
N SER A 61 16.63 12.28 0.43
CA SER A 61 16.00 13.27 -0.42
C SER A 61 17.00 13.87 -1.41
N GLN A 62 18.19 14.22 -0.94
CA GLN A 62 19.20 14.81 -1.81
C GLN A 62 19.95 13.78 -2.66
N GLY A 63 19.70 12.48 -2.45
CA GLY A 63 20.29 11.47 -3.30
C GLY A 63 21.72 11.07 -2.99
N SER A 64 21.95 10.44 -1.84
CA SER A 64 23.25 9.91 -1.46
C SER A 64 23.10 8.49 -0.93
N SER A 65 24.23 7.78 -0.80
CA SER A 65 24.17 6.35 -0.52
C SER A 65 25.51 5.82 0.00
N ASP A 66 25.44 5.12 1.13
CA ASP A 66 26.34 4.11 1.68
C ASP A 66 27.61 4.67 2.36
N SER A 67 27.94 5.94 2.25
CA SER A 67 29.00 6.41 3.13
C SER A 67 28.59 7.60 3.96
N GLN A 68 27.61 8.39 3.51
CA GLN A 68 26.90 9.24 4.44
C GLN A 68 26.10 8.39 5.42
N ILE A 69 25.52 7.29 4.93
CA ILE A 69 24.53 6.55 5.72
C ILE A 69 25.19 5.81 6.88
N LEU A 70 26.24 5.03 6.59
CA LEU A 70 26.86 4.24 7.65
C LEU A 70 27.32 5.11 8.81
N ASP A 71 27.77 6.33 8.52
CA ASP A 71 28.05 7.28 9.59
C ASP A 71 26.76 7.66 10.33
N LEU A 72 25.71 7.98 9.58
CA LEU A 72 24.43 8.31 10.20
C LEU A 72 23.89 7.14 11.00
N SER A 73 24.08 5.91 10.50
CA SER A 73 23.62 4.75 11.24
C SER A 73 24.50 4.48 12.46
N ASN A 74 25.83 4.61 12.31
CA ASN A 74 26.72 4.47 13.45
C ASN A 74 26.37 5.46 14.55
N ARG A 75 25.95 6.68 14.16
CA ARG A 75 25.46 7.64 15.15
C ARG A 75 24.17 7.16 15.79
N PHE A 76 23.24 6.65 14.99
CA PHE A 76 21.97 6.17 15.52
C PHE A 76 22.18 5.03 16.52
N TYR A 77 22.94 4.00 16.11
CA TYR A 77 23.12 2.85 16.97
C TYR A 77 24.02 3.12 18.16
N THR A 78 24.87 4.16 18.09
CA THR A 78 25.61 4.58 19.27
C THR A 78 24.68 5.21 20.30
N LEU A 79 23.75 6.04 19.84
CA LEU A 79 22.80 6.68 20.74
C LEU A 79 21.82 5.66 21.32
N ILE A 80 21.36 4.72 20.50
CA ILE A 80 20.45 3.67 20.94
C ILE A 80 21.08 2.32 20.62
N PRO A 81 21.77 1.70 21.56
CA PRO A 81 22.47 0.45 21.26
C PRO A 81 21.50 -0.69 21.01
N HIS A 82 21.80 -1.50 19.99
CA HIS A 82 21.03 -2.67 19.64
C HIS A 82 21.88 -3.93 19.85
N ASP A 83 21.21 -5.08 19.82
CA ASP A 83 21.86 -6.38 19.99
C ASP A 83 21.32 -7.30 18.90
N PHE A 84 22.02 -7.35 17.77
CA PHE A 84 21.67 -8.26 16.69
C PHE A 84 22.48 -9.54 16.79
N GLY A 85 21.95 -10.60 16.19
CA GLY A 85 22.61 -11.89 16.20
C GLY A 85 23.80 -11.96 15.26
N PRO A 89 23.76 -4.99 11.61
CA PRO A 89 23.37 -3.57 11.53
C PRO A 89 22.76 -3.23 10.16
N PRO A 90 21.44 -3.39 10.03
CA PRO A 90 20.78 -3.15 8.74
C PRO A 90 20.95 -1.71 8.27
N LEU A 91 20.67 -1.50 7.00
CA LEU A 91 20.85 -0.20 6.36
C LEU A 91 19.66 0.70 6.63
N LEU A 92 19.93 1.90 7.16
CA LEU A 92 18.88 2.86 7.47
C LEU A 92 18.26 3.50 6.24
N ASN A 93 18.91 3.37 5.07
CA ASN A 93 18.45 4.03 3.85
C ASN A 93 17.69 3.10 2.91
N ASN A 94 17.51 1.83 3.28
CA ASN A 94 16.84 0.86 2.42
C ASN A 94 15.80 0.09 3.22
N ALA A 95 14.84 -0.48 2.50
CA ALA A 95 13.73 -1.26 3.07
C ALA A 95 12.86 -0.41 3.99
N ASP A 96 12.83 0.91 3.75
CA ASP A 96 12.03 1.85 4.54
C ASP A 96 12.34 1.70 6.03
N SER A 97 13.62 1.51 6.36
CA SER A 97 14.04 1.36 7.74
C SER A 97 13.80 2.62 8.56
N VAL A 98 13.68 3.78 7.91
CA VAL A 98 13.33 5.00 8.63
C VAL A 98 11.97 4.84 9.31
N GLN A 99 11.03 4.19 8.64
CA GLN A 99 9.72 3.95 9.24
C GLN A 99 9.82 2.95 10.38
N ALA A 100 10.64 1.90 10.23
CA ALA A 100 10.76 0.91 11.29
C ALA A 100 11.38 1.52 12.55
N LYS A 101 12.42 2.35 12.38
CA LYS A 101 13.06 2.96 13.53
C LYS A 101 12.20 4.06 14.13
N VAL A 102 11.41 4.76 13.31
CA VAL A 102 10.60 5.86 13.83
C VAL A 102 9.41 5.32 14.62
N GLU A 103 8.94 4.12 14.31
CA GLU A 103 7.89 3.50 15.11
C GLU A 103 8.44 3.07 16.46
N MET A 104 9.69 2.58 16.47
CA MET A 104 10.34 2.23 17.74
C MET A 104 10.46 3.44 18.64
N LEU A 105 10.89 4.58 18.07
CA LEU A 105 11.02 5.80 18.87
C LEU A 105 9.67 6.26 19.39
N ASP A 106 8.61 6.10 18.59
CA ASP A 106 7.26 6.39 19.06
C ASP A 106 6.93 5.57 20.29
N ASN A 107 7.24 4.27 20.26
CA ASN A 107 6.94 3.41 21.40
C ASN A 107 7.88 3.69 22.57
N LEU A 108 9.13 4.07 22.29
CA LEU A 108 10.05 4.41 23.38
C LEU A 108 9.60 5.67 24.10
N LEU A 109 9.07 6.65 23.37
CA LEU A 109 8.53 7.85 24.00
C LEU A 109 7.46 7.50 25.03
N ASP A 110 6.57 6.57 24.68
CA ASP A 110 5.52 6.17 25.60
C ASP A 110 6.08 5.33 26.75
N ILE A 111 7.08 4.50 26.48
CA ILE A 111 7.67 3.68 27.53
C ILE A 111 8.45 4.56 28.51
N GLU A 112 9.10 5.61 28.01
CA GLU A 112 9.76 6.56 28.90
C GLU A 112 8.75 7.25 29.80
N VAL A 113 7.60 7.66 29.24
CA VAL A 113 6.57 8.32 30.05
C VAL A 113 6.04 7.37 31.11
N ALA A 114 5.84 6.11 30.76
CA ALA A 114 5.32 5.13 31.72
C ALA A 114 6.30 4.93 32.87
N TYR A 115 7.58 4.71 32.55
CA TYR A 115 8.59 4.48 33.57
C TYR A 115 8.79 5.72 34.44
N SER A 116 8.85 6.90 33.82
CA SER A 116 9.03 8.13 34.59
C SER A 116 7.86 8.37 35.53
N LEU A 117 6.63 8.10 35.07
CA LEU A 117 5.47 8.25 35.94
C LEU A 117 5.51 7.27 37.09
N LEU A 118 5.97 6.04 36.84
CA LEU A 118 5.98 5.02 37.88
C LEU A 118 6.89 5.40 39.04
N ARG A 119 7.96 6.15 38.76
CA ARG A 119 8.85 6.62 39.82
C ARG A 119 8.51 8.06 40.20
N GLY A 120 7.30 8.23 40.73
CA GLY A 120 6.81 9.53 41.15
C GLY A 120 5.96 9.47 42.40
N ASP A 124 2.50 8.38 50.18
CA ASP A 124 1.99 8.26 51.55
C ASP A 124 1.47 6.86 51.83
N SER A 125 1.46 6.48 53.11
CA SER A 125 1.03 5.15 53.51
C SER A 125 -0.45 4.90 53.27
N SER A 126 -1.23 5.94 52.98
CA SER A 126 -2.68 5.81 52.95
C SER A 126 -3.13 4.83 51.87
N LYS A 127 -2.66 5.01 50.64
CA LYS A 127 -3.21 4.30 49.49
C LYS A 127 -2.26 3.23 48.98
N ASP A 128 -2.86 2.15 48.49
CA ASP A 128 -2.13 1.13 47.75
C ASP A 128 -1.48 1.77 46.53
N PRO A 129 -0.21 1.43 46.22
CA PRO A 129 0.43 1.93 44.99
C PRO A 129 -0.43 1.84 43.73
N ILE A 130 -1.36 0.88 43.68
CA ILE A 130 -2.27 0.80 42.54
C ILE A 130 -3.08 2.09 42.41
N ASP A 131 -3.64 2.56 43.53
CA ASP A 131 -4.40 3.81 43.50
C ASP A 131 -3.49 5.01 43.27
N VAL A 132 -2.25 4.95 43.78
CA VAL A 132 -1.31 6.05 43.56
C VAL A 132 -0.98 6.19 42.08
N ASN A 133 -0.66 5.07 41.43
CA ASN A 133 -0.35 5.12 40.00
C ASN A 133 -1.59 5.50 39.19
N TYR A 134 -2.77 5.05 39.61
CA TYR A 134 -3.99 5.40 38.90
C TYR A 134 -4.19 6.91 38.87
N GLU A 135 -3.96 7.58 39.99
CA GLU A 135 -4.12 9.02 40.06
C GLU A 135 -3.08 9.75 39.23
N LYS A 136 -1.92 9.15 38.98
CA LYS A 136 -0.91 9.78 38.14
C LYS A 136 -1.40 9.93 36.70
N LEU A 137 -2.33 9.09 36.27
CA LEU A 137 -2.86 9.19 34.91
C LEU A 137 -3.75 10.41 34.73
N LYS A 138 -4.26 10.98 35.83
CA LYS A 138 -5.20 12.10 35.77
C LYS A 138 -6.35 11.80 34.80
N THR A 139 -6.85 10.57 34.89
CA THR A 139 -7.94 10.10 34.05
C THR A 139 -8.95 9.37 34.91
N ASP A 140 -10.23 9.59 34.66
CA ASP A 140 -11.30 8.93 35.38
C ASP A 140 -11.72 7.68 34.61
N ILE A 141 -11.58 6.52 35.24
CA ILE A 141 -11.83 5.23 34.61
C ILE A 141 -12.92 4.52 35.39
N LYS A 142 -14.04 4.24 34.72
CA LYS A 142 -15.16 3.51 35.31
C LYS A 142 -15.48 2.29 34.45
N VAL A 143 -15.86 1.21 35.11
CA VAL A 143 -16.21 -0.03 34.42
C VAL A 143 -17.60 0.11 33.81
N VAL A 144 -17.72 -0.17 32.52
CA VAL A 144 -19.00 -0.13 31.83
C VAL A 144 -19.74 -1.43 32.11
N ASP A 145 -20.99 -1.33 32.55
CA ASP A 145 -21.78 -2.51 32.86
C ASP A 145 -22.03 -3.32 31.60
N ARG A 146 -21.76 -4.63 31.65
CA ARG A 146 -21.88 -5.45 30.46
C ARG A 146 -23.31 -5.57 29.98
N ASP A 147 -24.30 -5.28 30.83
CA ASP A 147 -25.70 -5.31 30.43
C ASP A 147 -26.23 -3.92 30.07
N SER A 148 -25.35 -2.99 29.73
CA SER A 148 -25.73 -1.63 29.42
C SER A 148 -25.87 -1.43 27.92
N GLU A 149 -26.51 -0.32 27.54
CA GLU A 149 -26.63 0.05 26.14
C GLU A 149 -25.25 0.29 25.52
N GLU A 150 -24.36 0.96 26.28
CA GLU A 150 -23.02 1.22 25.78
C GLU A 150 -22.29 -0.08 25.46
N ALA A 151 -22.31 -1.04 26.38
CA ALA A 151 -21.61 -2.30 26.17
C ALA A 151 -22.13 -3.02 24.94
N GLU A 152 -23.46 -3.01 24.73
CA GLU A 152 -24.02 -3.71 23.58
C GLU A 152 -23.58 -3.07 22.27
N ILE A 153 -23.56 -1.74 22.20
CA ILE A 153 -23.05 -1.05 21.01
C ILE A 153 -21.59 -1.41 20.78
N ILE A 154 -20.77 -1.30 21.83
CA ILE A 154 -19.34 -1.52 21.68
C ILE A 154 -19.05 -2.97 21.31
N ARG A 155 -19.75 -3.92 21.95
CA ARG A 155 -19.56 -5.33 21.61
C ARG A 155 -19.94 -5.59 20.16
N LYS A 156 -21.07 -5.02 19.71
CA LYS A 156 -21.48 -5.19 18.32
C LYS A 156 -20.46 -4.60 17.37
N TYR A 157 -19.91 -3.43 17.72
CA TYR A 157 -18.82 -2.84 16.95
C TYR A 157 -17.65 -3.81 16.82
N VAL A 158 -17.31 -4.51 17.90
CA VAL A 158 -16.21 -5.46 17.88
C VAL A 158 -16.54 -6.66 17.01
N LYS A 159 -17.72 -7.25 17.21
CA LYS A 159 -18.03 -8.51 16.54
C LYS A 159 -18.21 -8.32 15.04
N ASN A 160 -18.72 -7.17 14.62
CA ASN A 160 -19.00 -6.94 13.20
C ASN A 160 -17.75 -6.65 12.39
N THR A 161 -16.67 -6.18 13.01
CA THR A 161 -15.53 -5.65 12.27
C THR A 161 -14.25 -6.42 12.53
N HIS A 162 -14.34 -7.70 12.90
CA HIS A 162 -13.16 -8.52 13.11
C HIS A 162 -13.20 -9.87 12.40
N ALA A 163 -14.29 -10.19 11.70
CA ALA A 163 -14.41 -11.52 11.09
C ALA A 163 -13.39 -11.74 9.98
N THR A 164 -13.01 -10.69 9.25
CA THR A 164 -12.11 -10.84 8.12
C THR A 164 -10.70 -11.27 8.53
N THR A 165 -10.38 -11.25 9.83
CA THR A 165 -9.08 -11.71 10.30
C THR A 165 -9.20 -12.97 11.14
N HIS A 166 -10.35 -13.66 11.06
CA HIS A 166 -10.54 -14.89 11.83
C HIS A 166 -9.48 -15.93 11.53
N ASN A 167 -8.96 -15.94 10.31
CA ASN A 167 -7.87 -16.86 9.97
C ASN A 167 -6.63 -16.60 10.83
N ALA A 168 -6.42 -15.34 11.23
CA ALA A 168 -5.28 -14.99 12.07
C ALA A 168 -5.57 -15.13 13.55
N TYR A 169 -6.74 -14.68 14.00
CA TYR A 169 -7.09 -14.72 15.41
C TYR A 169 -8.57 -14.45 15.58
N ASP A 170 -9.09 -14.81 16.75
CA ASP A 170 -10.43 -14.46 17.19
C ASP A 170 -10.34 -13.51 18.37
N LEU A 171 -11.46 -12.89 18.70
CA LEU A 171 -11.48 -11.84 19.72
C LEU A 171 -12.60 -12.08 20.72
N GLU A 172 -12.34 -11.66 21.95
CA GLU A 172 -13.32 -11.71 23.04
C GLU A 172 -13.13 -10.50 23.93
N VAL A 173 -14.20 -9.74 24.13
CA VAL A 173 -14.15 -8.54 24.96
C VAL A 173 -14.17 -8.97 26.43
N ILE A 174 -13.14 -8.59 27.18
CA ILE A 174 -13.05 -8.93 28.59
C ILE A 174 -13.66 -7.81 29.42
N ASP A 175 -13.10 -6.61 29.31
CA ASP A 175 -13.57 -5.46 30.07
C ASP A 175 -13.73 -4.25 29.14
N ILE A 176 -14.71 -3.42 29.47
CA ILE A 176 -14.93 -2.15 28.80
C ILE A 176 -14.88 -1.05 29.86
N PHE A 177 -14.05 -0.04 29.64
CA PHE A 177 -13.95 1.09 30.54
C PHE A 177 -14.36 2.37 29.82
N LYS A 178 -15.12 3.22 30.51
CA LYS A 178 -15.31 4.58 30.06
C LYS A 178 -14.22 5.45 30.64
N ILE A 179 -13.52 6.18 29.78
CA ILE A 179 -12.37 6.97 30.20
C ILE A 179 -12.68 8.45 29.96
N GLU A 180 -12.14 9.29 30.83
CA GLU A 180 -12.33 10.74 30.76
C GLU A 180 -11.02 11.39 31.18
N ARG A 181 -10.19 11.74 30.20
CA ARG A 181 -8.95 12.43 30.49
C ARG A 181 -9.23 13.84 30.99
N GLU A 182 -8.47 14.26 32.00
CA GLU A 182 -8.66 15.59 32.57
C GLU A 182 -8.35 16.66 31.53
N GLY A 183 -9.35 17.46 31.20
CA GLY A 183 -9.19 18.57 30.28
C GLY A 183 -9.40 18.22 28.82
N GLU A 184 -9.56 16.94 28.48
CA GLU A 184 -9.70 16.57 27.08
C GLU A 184 -11.07 16.94 26.52
N CYS A 185 -12.12 16.78 27.32
CA CYS A 185 -13.44 17.24 26.89
C CYS A 185 -13.44 18.75 26.63
N GLN A 186 -12.60 19.49 27.35
CA GLN A 186 -12.48 20.93 27.13
C GLN A 186 -11.64 21.25 25.91
N ARG A 187 -10.55 20.52 25.68
CA ARG A 187 -9.72 20.76 24.51
C ARG A 187 -10.45 20.41 23.21
N TYR A 188 -11.41 19.50 23.27
CA TYR A 188 -12.13 19.01 22.10
C TYR A 188 -13.40 19.80 21.80
N LYS A 189 -13.87 20.61 22.74
CA LYS A 189 -15.13 21.33 22.58
C LYS A 189 -15.25 22.14 21.29
N PRO A 190 -14.23 22.86 20.82
CA PRO A 190 -14.38 23.59 19.54
C PRO A 190 -14.76 22.69 18.37
N PHE A 191 -14.23 21.47 18.33
CA PHE A 191 -14.42 20.60 17.18
C PHE A 191 -15.74 19.86 17.19
N LYS A 192 -16.51 19.93 18.28
CA LYS A 192 -17.83 19.32 18.28
C LYS A 192 -18.80 20.03 17.34
N GLN A 193 -18.45 21.22 16.86
CA GLN A 193 -19.23 21.89 15.82
C GLN A 193 -18.92 21.35 14.44
N LEU A 194 -17.76 20.70 14.27
CA LEU A 194 -17.37 20.19 12.97
C LEU A 194 -18.24 18.99 12.57
N HIS A 195 -18.61 18.95 11.29
CA HIS A 195 -19.36 17.82 10.78
C HIS A 195 -18.44 16.60 10.63
N ASN A 196 -19.06 15.46 10.34
CA ASN A 196 -18.35 14.21 10.09
C ASN A 196 -17.47 13.82 11.29
N ARG A 197 -18.12 13.56 12.41
CA ARG A 197 -17.48 13.05 13.61
C ARG A 197 -17.82 11.58 13.75
N ARG A 198 -16.82 10.75 14.04
CA ARG A 198 -17.01 9.31 14.10
C ARG A 198 -16.33 8.74 15.34
N LEU A 199 -16.86 7.61 15.82
CA LEU A 199 -16.26 6.85 16.90
C LEU A 199 -15.38 5.78 16.29
N LEU A 200 -14.06 5.92 16.46
CA LEU A 200 -13.09 5.08 15.77
C LEU A 200 -12.17 4.38 16.76
N TRP A 201 -11.52 3.32 16.26
CA TRP A 201 -10.60 2.52 17.05
C TRP A 201 -9.19 3.06 16.97
N HIS A 202 -8.44 2.87 18.05
CA HIS A 202 -6.99 3.06 18.04
C HIS A 202 -6.38 1.95 18.89
N GLY A 203 -5.66 1.03 18.25
CA GLY A 203 -4.96 -0.01 18.95
C GLY A 203 -3.52 0.38 19.22
N SER A 204 -2.96 -0.22 20.27
CA SER A 204 -1.58 0.06 20.66
C SER A 204 -1.14 -1.03 21.64
N ARG A 205 0.17 -1.12 21.85
CA ARG A 205 0.67 -2.02 22.87
C ARG A 205 0.28 -1.52 24.25
N THR A 206 0.25 -2.45 25.22
CA THR A 206 -0.13 -2.08 26.58
C THR A 206 0.88 -1.10 27.19
N THR A 207 2.13 -1.18 26.78
CA THR A 207 3.19 -0.29 27.27
C THR A 207 3.03 1.14 26.77
N ASN A 208 2.07 1.42 25.89
CA ASN A 208 1.83 2.77 25.41
C ASN A 208 0.74 3.51 26.18
N PHE A 209 -0.10 2.79 26.93
CA PHE A 209 -1.34 3.39 27.43
C PHE A 209 -1.14 4.21 28.70
N ALA A 210 -0.07 3.98 29.46
CA ALA A 210 0.25 4.90 30.53
C ALA A 210 0.48 6.30 29.99
N GLY A 211 1.10 6.39 28.81
CA GLY A 211 1.28 7.68 28.16
C GLY A 211 0.03 8.16 27.46
N ILE A 212 -0.73 7.23 26.89
CA ILE A 212 -1.96 7.60 26.21
C ILE A 212 -2.98 8.15 27.20
N LEU A 213 -3.08 7.55 28.38
CA LEU A 213 -4.05 8.04 29.35
C LEU A 213 -3.60 9.35 29.98
N SER A 214 -2.32 9.47 30.33
CA SER A 214 -1.86 10.66 31.04
C SER A 214 -1.75 11.86 30.11
N GLN A 215 -1.30 11.65 28.87
CA GLN A 215 -1.05 12.76 27.96
C GLN A 215 -1.89 12.72 26.69
N GLY A 216 -2.79 11.76 26.55
CA GLY A 216 -3.61 11.67 25.35
C GLY A 216 -2.81 11.15 24.17
N LEU A 217 -3.50 11.03 23.04
CA LEU A 217 -2.82 10.68 21.79
C LEU A 217 -2.10 11.91 21.25
N ARG A 218 -0.80 11.76 20.97
CA ARG A 218 0.03 12.86 20.54
C ARG A 218 0.50 12.66 19.11
N ILE A 219 1.08 13.73 18.56
CA ILE A 219 1.77 13.70 17.27
C ILE A 219 3.24 13.40 17.52
N ALA A 220 3.88 12.79 16.54
CA ALA A 220 5.34 12.67 16.59
C ALA A 220 5.97 14.05 16.68
N PRO A 221 7.09 14.18 17.40
CA PRO A 221 7.68 15.50 17.61
C PRO A 221 8.15 16.12 16.31
N PRO A 222 8.43 17.43 16.31
CA PRO A 222 8.87 18.08 15.07
C PRO A 222 10.16 17.50 14.51
N GLU A 223 11.03 16.96 15.35
CA GLU A 223 12.28 16.36 14.88
C GLU A 223 12.07 14.99 14.23
N ALA A 224 10.86 14.43 14.29
CA ALA A 224 10.60 13.13 13.70
C ALA A 224 10.53 13.24 12.18
N PRO A 225 11.03 12.24 11.45
CA PRO A 225 10.98 12.30 9.98
C PRO A 225 9.56 12.09 9.48
N VAL A 226 9.09 13.05 8.68
CA VAL A 226 7.75 12.94 8.11
C VAL A 226 7.64 11.71 7.20
N THR A 227 8.74 11.30 6.58
CA THR A 227 8.74 10.13 5.72
C THR A 227 8.70 8.82 6.50
N GLY A 228 8.79 8.87 7.83
CA GLY A 228 8.65 7.68 8.63
C GLY A 228 7.24 7.27 8.94
N TYR A 229 6.25 8.02 8.45
CA TYR A 229 4.84 7.77 8.74
C TYR A 229 4.07 7.68 7.44
N MET A 230 3.31 6.60 7.27
CA MET A 230 2.67 6.31 5.99
C MET A 230 1.80 7.47 5.52
N PHE A 231 1.13 8.17 6.43
CA PHE A 231 0.30 9.30 6.06
C PHE A 231 0.68 10.56 6.85
N GLY A 232 1.97 10.71 7.14
CA GLY A 232 2.45 11.88 7.84
C GLY A 232 2.33 11.75 9.35
N LYS A 233 2.88 12.74 10.05
CA LYS A 233 2.91 12.75 11.51
C LYS A 233 1.54 13.20 11.99
N GLY A 234 0.67 12.23 12.25
CA GLY A 234 -0.67 12.49 12.77
C GLY A 234 -1.12 11.44 13.76
N ILE A 235 -2.40 11.39 14.07
CA ILE A 235 -2.98 10.37 14.94
C ILE A 235 -3.84 9.46 14.08
N TYR A 236 -3.61 8.16 14.17
CA TYR A 236 -4.18 7.18 13.24
C TYR A 236 -5.32 6.42 13.91
N PHE A 237 -6.40 6.22 13.15
CA PHE A 237 -7.55 5.48 13.62
C PHE A 237 -8.04 4.56 12.52
N ALA A 238 -8.81 3.55 12.93
CA ALA A 238 -9.47 2.63 12.00
C ALA A 238 -10.94 2.54 12.37
N ASP A 239 -11.76 2.09 11.40
CA ASP A 239 -13.17 1.84 11.66
C ASP A 239 -13.49 0.35 11.79
N MET A 240 -12.47 -0.50 11.74
CA MET A 240 -12.64 -1.94 11.93
C MET A 240 -11.55 -2.41 12.89
N VAL A 241 -11.90 -3.23 13.89
CA VAL A 241 -10.91 -3.67 14.86
C VAL A 241 -9.86 -4.56 14.21
N SER A 242 -10.26 -5.27 13.15
CA SER A 242 -9.29 -6.08 12.40
C SER A 242 -8.06 -5.27 12.03
N LYS A 243 -8.23 -3.98 11.74
CA LYS A 243 -7.09 -3.13 11.44
C LYS A 243 -6.39 -2.67 12.72
N SER A 244 -7.14 -2.12 13.68
CA SER A 244 -6.53 -1.58 14.88
C SER A 244 -5.94 -2.66 15.78
N ALA A 245 -6.55 -3.86 15.79
CA ALA A 245 -6.06 -4.92 16.66
C ALA A 245 -4.66 -5.36 16.28
N ASN A 246 -4.27 -5.17 15.02
CA ASN A 246 -2.92 -5.54 14.59
C ASN A 246 -1.87 -4.75 15.35
N TYR A 247 -2.21 -3.56 15.83
CA TYR A 247 -1.25 -2.69 16.50
C TYR A 247 -1.14 -2.96 18.00
N CYS A 248 -1.94 -3.88 18.53
CA CYS A 248 -1.74 -4.32 19.92
C CYS A 248 -0.49 -5.18 20.06
N HIS A 249 -0.04 -5.81 18.97
CA HIS A 249 1.10 -6.72 18.98
C HIS A 249 0.94 -7.80 20.04
N THR A 250 -0.27 -8.32 20.16
CA THR A 250 -0.51 -9.46 21.02
C THR A 250 0.04 -10.73 20.37
N SER A 251 0.27 -11.74 21.19
CA SER A 251 0.76 -13.02 20.73
C SER A 251 0.14 -14.11 21.59
N GLN A 252 0.43 -15.36 21.25
CA GLN A 252 -0.15 -16.47 21.99
C GLN A 252 0.32 -16.46 23.44
N GLY A 253 1.54 -16.02 23.70
CA GLY A 253 2.05 -15.86 25.04
C GLY A 253 1.71 -14.55 25.71
N ASP A 254 1.19 -13.59 24.95
CA ASP A 254 0.74 -12.29 25.48
C ASP A 254 -0.58 -11.94 24.83
N PRO A 255 -1.65 -12.67 25.17
CA PRO A 255 -2.89 -12.59 24.38
C PRO A 255 -3.81 -11.44 24.74
N ILE A 256 -3.55 -10.69 25.81
CA ILE A 256 -4.42 -9.63 26.26
C ILE A 256 -3.93 -8.31 25.69
N GLY A 257 -4.79 -7.63 24.92
CA GLY A 257 -4.45 -6.35 24.34
C GLY A 257 -5.46 -5.28 24.72
N LEU A 258 -5.09 -4.04 24.43
CA LEU A 258 -5.92 -2.87 24.72
C LEU A 258 -6.18 -2.10 23.45
N ILE A 259 -7.45 -1.76 23.21
CA ILE A 259 -7.87 -0.90 22.11
C ILE A 259 -8.84 0.13 22.65
N LEU A 260 -8.65 1.39 22.26
CA LEU A 260 -9.53 2.45 22.71
C LEU A 260 -10.49 2.86 21.61
N LEU A 261 -11.63 3.41 22.03
CA LEU A 261 -12.59 4.04 21.14
C LEU A 261 -12.56 5.55 21.38
N GLY A 262 -12.41 6.31 20.32
CA GLY A 262 -12.32 7.76 20.43
C GLY A 262 -13.18 8.47 19.42
N GLU A 263 -13.79 9.57 19.84
CA GLU A 263 -14.54 10.43 18.94
C GLU A 263 -13.57 11.32 18.19
N VAL A 264 -13.55 11.20 16.86
CA VAL A 264 -12.62 11.94 16.02
C VAL A 264 -13.42 12.89 15.13
N ALA A 265 -13.05 14.17 15.16
CA ALA A 265 -13.67 15.17 14.29
C ALA A 265 -12.92 15.18 12.96
N LEU A 266 -13.53 14.59 11.94
CA LEU A 266 -12.87 14.45 10.65
C LEU A 266 -13.19 15.59 9.69
N GLY A 267 -14.42 16.10 9.72
CA GLY A 267 -14.79 17.18 8.83
C GLY A 267 -14.68 16.75 7.37
N ASN A 268 -14.06 17.60 6.56
CA ASN A 268 -13.82 17.26 5.16
C ASN A 268 -12.55 16.44 5.05
N MET A 269 -12.66 15.26 4.45
CA MET A 269 -11.58 14.28 4.44
C MET A 269 -10.82 14.31 3.13
N TYR A 270 -9.50 14.43 3.22
CA TYR A 270 -8.61 14.29 2.07
C TYR A 270 -8.43 12.78 1.82
N GLU A 271 -9.10 12.28 0.79
CA GLU A 271 -9.17 10.84 0.53
C GLU A 271 -8.00 10.39 -0.34
N LEU A 272 -7.29 9.36 0.11
CA LEU A 272 -6.12 8.86 -0.58
C LEU A 272 -6.20 7.34 -0.69
N LYS A 273 -5.45 6.79 -1.65
CA LYS A 273 -5.42 5.36 -1.91
C LYS A 273 -4.03 4.75 -1.79
N HIS A 274 -3.04 5.53 -1.35
CA HIS A 274 -1.69 5.02 -1.13
C HIS A 274 -0.96 5.97 -0.21
N ALA A 275 0.19 5.52 0.27
CA ALA A 275 0.93 6.29 1.28
C ALA A 275 1.32 7.66 0.75
N SER A 276 1.17 8.67 1.60
CA SER A 276 1.54 10.04 1.26
C SER A 276 2.03 10.71 2.54
N HIS A 277 3.33 10.99 2.61
CA HIS A 277 3.90 11.58 3.81
C HIS A 277 3.48 13.03 3.96
N ILE A 278 2.21 13.24 4.30
CA ILE A 278 1.64 14.59 4.32
C ILE A 278 2.29 15.40 5.41
N SER A 279 2.76 16.60 5.05
CA SER A 279 3.26 17.57 6.02
C SER A 279 2.24 18.66 6.34
N LYS A 280 1.38 19.01 5.39
CA LYS A 280 0.29 19.95 5.62
C LYS A 280 -0.91 19.54 4.79
N LEU A 281 -2.10 19.78 5.34
CA LEU A 281 -3.32 19.46 4.62
C LEU A 281 -3.67 20.58 3.63
N PRO A 282 -4.34 20.26 2.54
CA PRO A 282 -5.00 21.31 1.76
C PRO A 282 -6.05 21.99 2.62
N LYS A 283 -6.32 23.26 2.32
CA LYS A 283 -7.26 24.02 3.12
C LYS A 283 -8.70 23.69 2.73
N GLY A 284 -9.60 23.68 3.72
CA GLY A 284 -10.88 23.03 3.59
C GLY A 284 -10.88 21.59 4.05
N LYS A 285 -9.73 20.93 4.08
CA LYS A 285 -9.60 19.56 4.55
C LYS A 285 -9.17 19.56 6.01
N HIS A 286 -9.82 18.71 6.81
CA HIS A 286 -9.51 18.62 8.23
C HIS A 286 -8.88 17.30 8.64
N SER A 287 -8.78 16.35 7.71
CA SER A 287 -8.25 15.03 8.04
C SER A 287 -7.93 14.29 6.74
N VAL A 288 -7.35 13.10 6.89
CA VAL A 288 -7.06 12.20 5.79
C VAL A 288 -7.83 10.91 6.01
N LYS A 289 -8.43 10.39 4.94
CA LYS A 289 -9.06 9.07 4.97
C LYS A 289 -8.39 8.20 3.93
N GLY A 290 -7.60 7.23 4.37
CA GLY A 290 -7.10 6.21 3.48
C GLY A 290 -8.18 5.22 3.13
N LEU A 291 -8.49 5.10 1.84
CA LEU A 291 -9.60 4.26 1.39
C LEU A 291 -9.14 2.81 1.28
N GLY A 292 -9.83 1.92 2.00
CA GLY A 292 -9.50 0.51 2.00
C GLY A 292 -10.43 -0.32 1.13
N LYS A 293 -10.00 -1.55 0.83
CA LYS A 293 -10.84 -2.47 0.08
C LYS A 293 -12.03 -2.97 0.88
N THR A 294 -11.94 -2.93 2.21
CA THR A 294 -13.01 -3.38 3.08
C THR A 294 -13.44 -2.22 3.99
N THR A 295 -14.75 -2.07 4.14
CA THR A 295 -15.34 -1.02 4.94
C THR A 295 -16.56 -1.57 5.66
N PRO A 296 -16.89 -1.05 6.83
CA PRO A 296 -18.15 -1.44 7.47
C PRO A 296 -19.34 -1.06 6.60
N ASP A 297 -20.31 -1.98 6.52
CA ASP A 297 -21.51 -1.78 5.74
C ASP A 297 -22.18 -0.47 6.13
N PRO A 298 -22.23 0.52 5.24
CA PRO A 298 -22.87 1.80 5.60
C PRO A 298 -24.33 1.66 5.93
N SER A 299 -24.98 0.56 5.53
CA SER A 299 -26.37 0.33 5.87
C SER A 299 -26.59 0.22 7.37
N ALA A 300 -25.57 -0.17 8.13
CA ALA A 300 -25.69 -0.38 9.56
C ALA A 300 -25.10 0.76 10.39
N ASN A 301 -24.74 1.87 9.75
CA ASN A 301 -24.18 3.01 10.47
CA ASN A 301 -24.19 3.00 10.48
C ASN A 301 -25.26 3.64 11.36
N ILE A 302 -24.93 3.87 12.62
CA ILE A 302 -25.81 4.56 13.55
C ILE A 302 -25.14 5.86 13.96
N SER A 303 -25.96 6.88 14.22
CA SER A 303 -25.47 8.20 14.60
C SER A 303 -25.87 8.48 16.03
N LEU A 304 -24.90 8.98 16.81
CA LEU A 304 -24.99 9.02 18.26
C LEU A 304 -24.56 10.41 18.73
N ASP A 305 -25.51 11.22 19.19
CA ASP A 305 -25.22 12.60 19.58
C ASP A 305 -24.59 13.38 18.43
N GLY A 306 -24.95 13.02 17.20
CA GLY A 306 -24.29 13.56 16.04
C GLY A 306 -22.96 12.91 15.69
N VAL A 307 -22.63 11.80 16.33
CA VAL A 307 -21.37 11.09 16.09
C VAL A 307 -21.70 9.75 15.45
N ASP A 308 -21.09 9.50 14.29
CA ASP A 308 -21.35 8.27 13.54
C ASP A 308 -20.57 7.10 14.14
N VAL A 309 -21.23 5.96 14.24
CA VAL A 309 -20.61 4.72 14.68
C VAL A 309 -20.73 3.71 13.54
N PRO A 310 -19.69 3.57 12.72
CA PRO A 310 -19.74 2.63 11.57
C PRO A 310 -19.48 1.18 12.00
N LEU A 311 -20.45 0.60 12.70
CA LEU A 311 -20.33 -0.74 13.24
C LEU A 311 -20.88 -1.81 12.31
N GLY A 312 -21.04 -1.52 11.03
CA GLY A 312 -21.55 -2.51 10.11
C GLY A 312 -20.55 -3.62 9.83
N THR A 313 -21.07 -4.76 9.42
CA THR A 313 -20.24 -5.89 9.01
C THR A 313 -19.33 -5.48 7.87
N GLY A 314 -18.09 -5.95 7.90
CA GLY A 314 -17.14 -5.68 6.84
C GLY A 314 -17.59 -6.20 5.50
N ILE A 315 -17.76 -5.29 4.54
CA ILE A 315 -18.06 -5.63 3.16
C ILE A 315 -17.05 -4.94 2.27
N SER A 316 -17.04 -5.31 0.99
CA SER A 316 -16.15 -4.67 0.04
C SER A 316 -16.66 -3.26 -0.27
N SER A 317 -15.73 -2.31 -0.28
CA SER A 317 -16.08 -0.91 -0.55
C SER A 317 -16.28 -0.62 -2.03
N GLY A 318 -15.88 -1.55 -2.91
CA GLY A 318 -15.91 -1.27 -4.33
C GLY A 318 -14.83 -0.33 -4.81
N VAL A 319 -13.91 0.08 -3.93
CA VAL A 319 -12.86 1.02 -4.31
C VAL A 319 -11.72 0.24 -4.95
N ASN A 320 -11.58 0.36 -6.27
CA ASN A 320 -10.43 -0.18 -6.96
C ASN A 320 -9.24 0.78 -6.83
N ASP A 321 -8.08 0.31 -7.28
CA ASP A 321 -6.86 1.12 -7.36
C ASP A 321 -6.42 1.61 -5.98
N THR A 322 -6.59 0.78 -4.96
CA THR A 322 -6.16 1.12 -3.60
C THR A 322 -5.20 0.07 -3.08
N SER A 323 -4.21 0.52 -2.31
CA SER A 323 -3.24 -0.36 -1.68
C SER A 323 -3.60 -0.72 -0.25
N LEU A 324 -4.63 -0.10 0.30
CA LEU A 324 -5.01 -0.31 1.69
C LEU A 324 -6.08 -1.39 1.78
N LEU A 325 -5.92 -2.29 2.74
CA LEU A 325 -6.96 -3.29 2.96
C LEU A 325 -8.11 -2.76 3.80
N TYR A 326 -7.84 -1.81 4.69
CA TYR A 326 -8.85 -1.25 5.57
C TYR A 326 -8.78 0.28 5.53
N ASN A 327 -9.89 0.91 5.90
CA ASN A 327 -9.91 2.36 6.00
C ASN A 327 -8.96 2.84 7.09
N GLU A 328 -8.35 4.00 6.84
CA GLU A 328 -7.50 4.67 7.80
C GLU A 328 -7.96 6.11 7.95
N TYR A 329 -7.94 6.61 9.19
CA TYR A 329 -8.34 7.98 9.48
C TYR A 329 -7.22 8.64 10.26
N ILE A 330 -6.75 9.79 9.76
CA ILE A 330 -5.63 10.49 10.38
C ILE A 330 -6.02 11.95 10.58
N VAL A 331 -5.87 12.44 11.80
CA VAL A 331 -5.99 13.86 12.11
C VAL A 331 -4.63 14.36 12.57
N TYR A 332 -4.38 15.64 12.35
CA TYR A 332 -3.08 16.23 12.61
C TYR A 332 -3.16 17.32 13.67
N ASP A 333 -4.25 17.35 14.44
CA ASP A 333 -4.40 18.22 15.60
C ASP A 333 -4.85 17.33 16.75
N ILE A 334 -4.06 17.31 17.83
CA ILE A 334 -4.40 16.46 18.98
C ILE A 334 -5.74 16.84 19.58
N ALA A 335 -6.17 18.09 19.40
CA ALA A 335 -7.45 18.53 19.95
C ALA A 335 -8.64 17.98 19.17
N GLN A 336 -8.41 17.33 18.04
CA GLN A 336 -9.50 16.74 17.25
C GLN A 336 -9.94 15.38 17.78
N VAL A 337 -9.39 14.92 18.90
CA VAL A 337 -9.64 13.58 19.42
C VAL A 337 -10.16 13.71 20.85
N ASN A 338 -11.25 12.99 21.14
CA ASN A 338 -11.79 12.87 22.49
C ASN A 338 -11.93 11.39 22.81
N LEU A 339 -11.02 10.87 23.65
CA LEU A 339 -11.08 9.47 24.03
C LEU A 339 -12.31 9.21 24.89
N LYS A 340 -13.00 8.12 24.60
CA LYS A 340 -14.23 7.81 25.32
C LYS A 340 -14.23 6.43 25.98
N TYR A 341 -13.70 5.40 25.33
CA TYR A 341 -13.73 4.05 25.88
C TYR A 341 -12.39 3.36 25.72
N LEU A 342 -12.11 2.44 26.63
CA LEU A 342 -10.92 1.59 26.58
C LEU A 342 -11.37 0.15 26.77
N LEU A 343 -11.00 -0.71 25.83
CA LEU A 343 -11.40 -2.11 25.86
C LEU A 343 -10.21 -3.00 26.18
N LYS A 344 -10.45 -4.01 27.00
CA LYS A 344 -9.49 -5.07 27.28
C LYS A 344 -9.94 -6.32 26.54
N LEU A 345 -9.11 -6.81 25.63
CA LEU A 345 -9.49 -7.89 24.72
C LEU A 345 -8.55 -9.07 24.86
N LYS A 346 -9.11 -10.27 24.83
CA LYS A 346 -8.34 -11.51 24.80
C LYS A 346 -8.28 -12.00 23.36
N PHE A 347 -7.07 -12.20 22.84
CA PHE A 347 -6.88 -12.73 21.51
C PHE A 347 -6.69 -14.24 21.58
N ASN A 348 -7.48 -14.97 20.79
CA ASN A 348 -7.38 -16.43 20.68
C ASN A 348 -6.81 -16.75 19.32
N PHE A 349 -5.54 -17.15 19.29
CA PHE A 349 -4.85 -17.40 18.04
C PHE A 349 -5.05 -18.83 17.57
N LYS A 350 -5.04 -19.01 16.25
CA LYS A 350 -5.32 -20.32 15.66
C LYS A 350 -4.08 -21.22 15.70
N THR A 351 -2.93 -20.70 15.30
CA THR A 351 -1.70 -21.49 15.27
C THR A 351 -1.26 -21.89 16.66
N HIS B 1 -8.48 -15.97 -47.22
CA HIS B 1 -7.58 -16.04 -46.07
C HIS B 1 -6.51 -17.10 -46.27
N MET B 2 -5.29 -16.67 -46.62
CA MET B 2 -4.20 -17.56 -46.95
C MET B 2 -2.96 -17.25 -46.12
N SER B 3 -3.15 -16.97 -44.83
CA SER B 3 -2.02 -16.69 -43.95
C SER B 3 -1.22 -17.95 -43.71
N LYS B 4 0.11 -17.81 -43.66
CA LYS B 4 1.01 -18.92 -43.49
C LYS B 4 1.45 -19.11 -42.03
N LEU B 5 0.86 -18.36 -41.11
CA LEU B 5 1.29 -18.46 -39.73
C LEU B 5 0.47 -19.51 -38.98
N PRO B 6 1.02 -20.09 -37.92
CA PRO B 6 0.26 -21.05 -37.12
C PRO B 6 -1.03 -20.45 -36.60
N LYS B 7 -2.03 -21.32 -36.41
CA LYS B 7 -3.36 -20.86 -35.98
C LYS B 7 -3.32 -20.13 -34.64
N PRO B 8 -2.63 -20.61 -33.60
CA PRO B 8 -2.56 -19.80 -32.36
C PRO B 8 -1.97 -18.43 -32.58
N VAL B 9 -1.02 -18.29 -33.50
CA VAL B 9 -0.49 -16.97 -33.83
C VAL B 9 -1.54 -16.12 -34.53
N GLN B 10 -2.33 -16.74 -35.41
CA GLN B 10 -3.39 -16.01 -36.11
C GLN B 10 -4.40 -15.46 -35.11
N ASP B 11 -4.88 -16.31 -34.19
CA ASP B 11 -5.83 -15.85 -33.19
C ASP B 11 -5.26 -14.72 -32.34
N LEU B 12 -3.95 -14.75 -32.10
CA LEU B 12 -3.32 -13.67 -31.35
C LEU B 12 -3.37 -12.35 -32.13
N ILE B 13 -3.07 -12.40 -33.43
CA ILE B 13 -3.09 -11.19 -34.25
C ILE B 13 -4.50 -10.62 -34.29
N LYS B 14 -5.50 -11.47 -34.52
CA LYS B 14 -6.89 -11.01 -34.51
C LYS B 14 -7.29 -10.47 -33.15
N MET B 15 -6.62 -10.92 -32.08
CA MET B 15 -6.95 -10.47 -30.74
C MET B 15 -6.41 -9.07 -30.47
N ILE B 16 -5.13 -8.83 -30.79
CA ILE B 16 -4.49 -7.56 -30.46
C ILE B 16 -4.80 -6.45 -31.45
N PHE B 17 -5.36 -6.77 -32.61
CA PHE B 17 -5.78 -5.76 -33.57
C PHE B 17 -7.29 -5.65 -33.66
N ASP B 18 -8.00 -6.10 -32.63
CA ASP B 18 -9.46 -6.01 -32.60
C ASP B 18 -9.87 -4.58 -32.28
N VAL B 19 -10.53 -3.93 -33.23
CA VAL B 19 -10.95 -2.55 -33.03
C VAL B 19 -12.06 -2.46 -31.99
N GLU B 20 -12.97 -3.44 -31.98
CA GLU B 20 -14.05 -3.42 -31.00
C GLU B 20 -13.53 -3.48 -29.58
N SER B 21 -12.48 -4.29 -29.35
CA SER B 21 -11.88 -4.36 -28.03
C SER B 21 -11.29 -3.02 -27.61
N MET B 22 -10.71 -2.29 -28.57
CA MET B 22 -10.12 -0.99 -28.25
C MET B 22 -11.19 0.02 -27.85
N LYS B 23 -12.37 -0.05 -28.49
CA LYS B 23 -13.43 0.89 -28.17
C LYS B 23 -13.99 0.67 -26.76
N LYS B 24 -14.15 -0.60 -26.36
CA LYS B 24 -14.70 -0.87 -25.04
C LYS B 24 -13.71 -0.53 -23.94
N ALA B 25 -12.41 -0.65 -24.21
CA ALA B 25 -11.42 -0.15 -23.27
C ALA B 25 -11.59 1.34 -23.00
N MET B 26 -11.99 2.10 -24.03
CA MET B 26 -12.29 3.52 -23.83
C MET B 26 -13.60 3.70 -23.07
N VAL B 27 -14.64 2.94 -23.45
CA VAL B 27 -15.89 2.97 -22.70
C VAL B 27 -15.65 2.51 -21.26
N GLU B 28 -14.71 1.59 -21.06
CA GLU B 28 -14.34 1.16 -19.72
C GLU B 28 -13.91 2.34 -18.85
N TYR B 29 -13.25 3.33 -19.45
CA TYR B 29 -12.78 4.51 -18.75
C TYR B 29 -13.76 5.68 -18.85
N GLU B 30 -15.04 5.40 -19.09
CA GLU B 30 -16.11 6.39 -19.14
C GLU B 30 -15.94 7.39 -20.27
N ILE B 31 -15.16 7.04 -21.30
CA ILE B 31 -14.95 7.92 -22.44
C ILE B 31 -16.16 7.87 -23.35
N ASP B 32 -16.63 9.04 -23.77
CA ASP B 32 -17.75 9.14 -24.69
C ASP B 32 -17.24 8.84 -26.11
N LEU B 33 -17.70 7.72 -26.68
CA LEU B 33 -17.29 7.37 -28.03
C LEU B 33 -17.90 8.31 -29.08
N GLN B 34 -19.03 8.94 -28.78
CA GLN B 34 -19.66 9.84 -29.74
C GLN B 34 -18.83 11.12 -29.93
N LYS B 35 -18.57 11.86 -28.84
CA LYS B 35 -17.74 13.05 -28.95
C LYS B 35 -16.28 12.71 -29.24
N MET B 36 -15.85 11.49 -28.91
CA MET B 36 -14.44 11.11 -29.00
C MET B 36 -14.36 9.70 -29.56
N PRO B 37 -14.47 9.55 -30.86
CA PRO B 37 -14.39 8.21 -31.47
C PRO B 37 -12.95 7.74 -31.62
N LEU B 38 -12.82 6.43 -31.82
CA LEU B 38 -11.49 5.82 -31.87
C LEU B 38 -10.66 6.37 -33.03
N GLY B 39 -11.28 6.55 -34.20
CA GLY B 39 -10.55 7.09 -35.33
C GLY B 39 -10.06 8.50 -35.10
N LYS B 40 -10.74 9.25 -34.24
CA LYS B 40 -10.35 10.61 -33.88
C LYS B 40 -9.21 10.64 -32.86
N LEU B 41 -8.88 9.50 -32.25
CA LEU B 41 -7.87 9.48 -31.18
C LEU B 41 -6.50 9.84 -31.72
N SER B 42 -5.86 10.82 -31.11
CA SER B 42 -4.57 11.32 -31.54
C SER B 42 -3.57 11.28 -30.39
N LYS B 43 -2.30 11.10 -30.74
CA LYS B 43 -1.26 10.97 -29.72
C LYS B 43 -1.06 12.27 -28.95
N ARG B 44 -0.99 13.41 -29.65
CA ARG B 44 -0.78 14.68 -28.95
C ARG B 44 -2.02 15.11 -28.18
N GLN B 45 -3.20 14.62 -28.54
CA GLN B 45 -4.36 14.75 -27.65
C GLN B 45 -4.08 14.10 -26.30
N ILE B 46 -3.45 12.92 -26.33
CA ILE B 46 -3.04 12.26 -25.10
C ILE B 46 -1.87 12.99 -24.46
N GLN B 47 -0.89 13.40 -25.27
CA GLN B 47 0.29 14.07 -24.75
C GLN B 47 -0.04 15.39 -24.09
N ALA B 48 -1.16 16.02 -24.44
CA ALA B 48 -1.58 17.25 -23.80
C ALA B 48 -2.31 16.98 -22.49
N ALA B 49 -3.07 15.89 -22.42
CA ALA B 49 -3.78 15.54 -21.20
C ALA B 49 -2.81 15.17 -20.09
N TYR B 50 -1.67 14.58 -20.43
CA TYR B 50 -0.66 14.25 -19.43
C TYR B 50 -0.21 15.50 -18.68
N SER B 51 0.08 16.58 -19.41
CA SER B 51 0.50 17.82 -18.78
C SER B 51 -0.58 18.35 -17.84
N ILE B 52 -1.84 18.39 -18.33
CA ILE B 52 -2.94 18.88 -17.51
C ILE B 52 -2.95 18.19 -16.15
N LEU B 53 -2.78 16.86 -16.15
CA LEU B 53 -2.72 16.14 -14.89
C LEU B 53 -1.46 16.50 -14.11
N SER B 54 -0.35 16.74 -14.79
CA SER B 54 0.87 17.18 -14.11
C SER B 54 0.74 18.60 -13.57
N GLU B 55 -0.13 19.42 -14.16
CA GLU B 55 -0.41 20.72 -13.57
C GLU B 55 -1.40 20.58 -12.41
N VAL B 56 -2.35 19.65 -12.52
CA VAL B 56 -3.14 19.26 -11.35
C VAL B 56 -2.20 18.79 -10.24
N GLN B 57 -1.21 17.97 -10.59
CA GLN B 57 -0.16 17.61 -9.64
C GLN B 57 0.54 18.84 -9.11
N GLN B 58 0.92 19.76 -10.01
CA GLN B 58 1.50 21.02 -9.57
C GLN B 58 0.52 21.79 -8.70
N ALA B 59 -0.77 21.79 -9.06
CA ALA B 59 -1.77 22.46 -8.25
C ALA B 59 -1.86 21.84 -6.86
N VAL B 60 -1.95 20.51 -6.80
CA VAL B 60 -2.10 19.84 -5.50
C VAL B 60 -0.87 20.06 -4.62
N SER B 61 0.31 20.25 -5.21
CA SER B 61 1.51 20.43 -4.41
C SER B 61 1.55 21.84 -3.80
N GLN B 62 1.42 22.87 -4.65
CA GLN B 62 1.47 24.25 -4.20
C GLN B 62 0.08 24.82 -3.93
N GLY B 63 -0.80 24.85 -4.94
CA GLY B 63 -2.14 25.37 -4.74
C GLY B 63 -2.97 24.58 -3.76
N SER B 64 -3.17 23.30 -4.09
CA SER B 64 -3.97 22.38 -3.28
C SER B 64 -5.19 23.10 -2.69
N SER B 65 -6.06 23.55 -3.58
CA SER B 65 -6.95 24.66 -3.25
C SER B 65 -8.39 24.49 -3.68
N ASP B 66 -8.67 23.57 -4.61
CA ASP B 66 -9.93 23.51 -5.34
C ASP B 66 -10.21 24.81 -6.08
N SER B 67 -9.18 25.64 -6.31
CA SER B 67 -9.35 26.87 -7.07
C SER B 67 -9.18 26.61 -8.56
N GLN B 68 -8.01 26.11 -8.96
CA GLN B 68 -7.73 25.84 -10.36
C GLN B 68 -8.30 24.50 -10.81
N ILE B 69 -8.31 23.52 -9.91
CA ILE B 69 -8.66 22.14 -10.27
C ILE B 69 -10.00 22.07 -10.98
N LEU B 70 -10.95 22.95 -10.61
CA LEU B 70 -12.26 22.90 -11.24
C LEU B 70 -12.17 23.21 -12.74
N ASP B 71 -11.65 24.39 -13.08
CA ASP B 71 -11.51 24.71 -14.50
C ASP B 71 -10.35 23.95 -15.16
N LEU B 72 -9.39 23.47 -14.36
CA LEU B 72 -8.35 22.58 -14.86
C LEU B 72 -8.94 21.21 -15.20
N SER B 73 -9.89 20.74 -14.38
CA SER B 73 -10.65 19.54 -14.73
C SER B 73 -11.53 19.77 -15.94
N ASN B 74 -12.15 20.96 -16.02
CA ASN B 74 -12.96 21.28 -17.19
C ASN B 74 -12.12 21.26 -18.46
N ARG B 75 -10.86 21.68 -18.38
CA ARG B 75 -9.95 21.54 -19.52
C ARG B 75 -9.78 20.07 -19.90
N PHE B 76 -9.56 19.22 -18.90
CA PHE B 76 -9.30 17.80 -19.17
C PHE B 76 -10.51 17.13 -19.81
N TYR B 77 -11.71 17.42 -19.32
CA TYR B 77 -12.89 16.67 -19.73
C TYR B 77 -13.50 17.14 -21.04
N THR B 78 -12.95 18.19 -21.67
CA THR B 78 -13.29 18.46 -23.07
C THR B 78 -12.18 18.03 -24.02
N LEU B 79 -10.92 18.03 -23.56
CA LEU B 79 -9.85 17.44 -24.34
C LEU B 79 -10.13 15.96 -24.59
N ILE B 80 -10.48 15.23 -23.54
CA ILE B 80 -10.97 13.86 -23.66
C ILE B 80 -12.37 13.83 -23.09
N PRO B 81 -13.40 14.03 -23.91
CA PRO B 81 -14.77 14.06 -23.39
C PRO B 81 -15.19 12.72 -22.82
N HIS B 82 -15.77 12.75 -21.62
CA HIS B 82 -16.27 11.58 -20.95
C HIS B 82 -17.79 11.69 -20.80
N ASP B 83 -18.42 10.57 -20.47
CA ASP B 83 -19.87 10.49 -20.35
C ASP B 83 -20.23 9.71 -19.09
N PHE B 84 -20.99 10.34 -18.20
CA PHE B 84 -21.39 9.71 -16.94
C PHE B 84 -22.90 9.48 -16.91
N PRO B 90 -16.46 15.33 -11.53
CA PRO B 90 -15.53 14.61 -10.66
C PRO B 90 -14.32 15.46 -10.27
N LEU B 91 -13.93 15.40 -9.00
CA LEU B 91 -12.79 16.18 -8.50
C LEU B 91 -11.51 15.41 -8.75
N LEU B 92 -10.62 15.98 -9.55
CA LEU B 92 -9.39 15.32 -9.95
C LEU B 92 -8.28 15.46 -8.91
N ASN B 93 -8.49 16.25 -7.86
CA ASN B 93 -7.52 16.41 -6.78
C ASN B 93 -7.90 15.63 -5.54
N ASN B 94 -8.84 14.69 -5.65
CA ASN B 94 -9.27 13.87 -4.52
C ASN B 94 -9.40 12.42 -4.97
N ALA B 95 -9.24 11.50 -4.01
CA ALA B 95 -9.32 10.07 -4.25
C ALA B 95 -8.26 9.61 -5.26
N ASP B 96 -7.14 10.33 -5.32
CA ASP B 96 -6.02 10.01 -6.22
C ASP B 96 -6.51 9.81 -7.66
N SER B 97 -7.39 10.70 -8.10
CA SER B 97 -7.90 10.63 -9.47
C SER B 97 -6.82 10.90 -10.50
N VAL B 98 -5.70 11.49 -10.11
CA VAL B 98 -4.59 11.68 -11.03
C VAL B 98 -4.08 10.32 -11.51
N GLN B 99 -3.86 9.39 -10.58
CA GLN B 99 -3.39 8.07 -10.96
C GLN B 99 -4.40 7.34 -11.84
N ALA B 100 -5.69 7.46 -11.52
CA ALA B 100 -6.71 6.76 -12.30
C ALA B 100 -6.76 7.28 -13.73
N LYS B 101 -6.73 8.60 -13.90
CA LYS B 101 -6.78 9.17 -15.23
C LYS B 101 -5.48 9.01 -15.98
N VAL B 102 -4.36 8.84 -15.27
CA VAL B 102 -3.08 8.65 -15.93
C VAL B 102 -2.95 7.23 -16.46
N GLU B 103 -3.44 6.25 -15.71
CA GLU B 103 -3.51 4.88 -16.24
C GLU B 103 -4.38 4.83 -17.48
N MET B 104 -5.44 5.65 -17.54
CA MET B 104 -6.25 5.76 -18.74
C MET B 104 -5.41 6.21 -19.92
N LEU B 105 -4.65 7.30 -19.75
CA LEU B 105 -3.81 7.80 -20.84
C LEU B 105 -2.77 6.78 -21.26
N ASP B 106 -2.22 6.04 -20.29
CA ASP B 106 -1.29 4.97 -20.62
C ASP B 106 -1.91 3.99 -21.59
N ASN B 107 -3.15 3.55 -21.30
CA ASN B 107 -3.82 2.59 -22.17
C ASN B 107 -4.23 3.23 -23.49
N LEU B 108 -4.56 4.52 -23.48
CA LEU B 108 -4.90 5.18 -24.73
C LEU B 108 -3.68 5.30 -25.64
N LEU B 109 -2.50 5.49 -25.07
CA LEU B 109 -1.27 5.51 -25.85
C LEU B 109 -1.08 4.22 -26.62
N ASP B 110 -1.25 3.07 -25.94
CA ASP B 110 -1.11 1.78 -26.60
C ASP B 110 -2.20 1.58 -27.65
N ILE B 111 -3.42 1.99 -27.34
CA ILE B 111 -4.52 1.86 -28.29
C ILE B 111 -4.27 2.71 -29.53
N GLU B 112 -3.74 3.92 -29.33
CA GLU B 112 -3.41 4.77 -30.46
C GLU B 112 -2.37 4.11 -31.36
N VAL B 113 -1.36 3.46 -30.77
CA VAL B 113 -0.36 2.75 -31.56
C VAL B 113 -1.02 1.61 -32.34
N ALA B 114 -1.95 0.90 -31.69
CA ALA B 114 -2.61 -0.23 -32.34
C ALA B 114 -3.43 0.23 -33.55
N TYR B 115 -4.23 1.28 -33.37
CA TYR B 115 -5.08 1.77 -34.46
C TYR B 115 -4.24 2.34 -35.60
N SER B 116 -3.25 3.16 -35.26
CA SER B 116 -2.43 3.81 -36.29
C SER B 116 -1.67 2.78 -37.11
N LEU B 117 -1.19 1.71 -36.48
CA LEU B 117 -0.52 0.66 -37.22
C LEU B 117 -1.51 -0.16 -38.03
N LEU B 118 -2.71 -0.39 -37.49
CA LEU B 118 -3.68 -1.20 -38.21
C LEU B 118 -4.11 -0.53 -39.51
N ARG B 119 -4.22 0.80 -39.51
CA ARG B 119 -4.65 1.52 -40.70
C ARG B 119 -3.50 1.91 -41.62
N GLY B 120 -2.29 2.04 -41.08
CA GLY B 120 -1.16 2.49 -41.88
C GLY B 120 -0.48 1.41 -42.69
N GLY B 121 -1.26 0.43 -43.15
CA GLY B 121 -0.72 -0.67 -43.93
C GLY B 121 -0.64 -0.33 -45.42
N SER B 122 0.04 -1.22 -46.14
CA SER B 122 0.25 -1.07 -47.57
C SER B 122 -0.33 -2.28 -48.30
N ASP B 123 -0.91 -2.04 -49.47
CA ASP B 123 -1.56 -3.12 -50.20
C ASP B 123 -0.53 -4.14 -50.66
N ASP B 124 -0.68 -5.35 -50.16
CA ASP B 124 0.01 -6.54 -50.67
C ASP B 124 -1.04 -7.66 -50.61
N SER B 125 -1.80 -7.83 -51.70
CA SER B 125 -2.71 -8.98 -51.65
C SER B 125 -1.94 -10.27 -51.80
N SER B 126 -0.62 -10.13 -51.88
CA SER B 126 0.35 -11.14 -51.53
C SER B 126 -0.10 -11.91 -50.30
N LYS B 127 -0.53 -11.19 -49.26
CA LYS B 127 -0.70 -11.73 -47.92
C LYS B 127 -2.08 -11.41 -47.37
N ASP B 128 -2.60 -12.34 -46.59
CA ASP B 128 -3.75 -12.15 -45.71
C ASP B 128 -3.53 -10.90 -44.88
N PRO B 129 -4.58 -10.13 -44.59
CA PRO B 129 -4.44 -9.04 -43.61
C PRO B 129 -3.82 -9.49 -42.29
N ILE B 130 -4.04 -10.74 -41.89
CA ILE B 130 -3.42 -11.26 -40.67
C ILE B 130 -1.90 -11.19 -40.78
N ASP B 131 -1.36 -11.49 -41.96
CA ASP B 131 0.09 -11.47 -42.13
C ASP B 131 0.62 -10.05 -42.25
N VAL B 132 -0.13 -9.16 -42.90
CA VAL B 132 0.33 -7.78 -43.05
C VAL B 132 0.43 -7.11 -41.69
N ASN B 133 -0.54 -7.34 -40.81
CA ASN B 133 -0.48 -6.76 -39.47
C ASN B 133 0.61 -7.41 -38.63
N TYR B 134 0.85 -8.71 -38.82
CA TYR B 134 1.91 -9.40 -38.10
C TYR B 134 3.26 -8.76 -38.37
N GLU B 135 3.55 -8.46 -39.64
CA GLU B 135 4.83 -7.87 -40.00
C GLU B 135 5.02 -6.47 -39.42
N LYS B 136 3.92 -5.77 -39.13
CA LYS B 136 4.04 -4.43 -38.54
C LYS B 136 4.56 -4.50 -37.11
N LEU B 137 4.27 -5.59 -36.39
CA LEU B 137 4.79 -5.76 -35.04
C LEU B 137 6.30 -5.83 -35.00
N LYS B 138 6.93 -6.22 -36.12
CA LYS B 138 8.38 -6.35 -36.21
C LYS B 138 8.91 -7.25 -35.10
N THR B 139 8.17 -8.32 -34.81
CA THR B 139 8.49 -9.26 -33.77
C THR B 139 8.35 -10.67 -34.32
N ASP B 140 9.34 -11.52 -34.06
CA ASP B 140 9.25 -12.92 -34.42
C ASP B 140 8.46 -13.66 -33.34
N ILE B 141 7.36 -14.30 -33.74
CA ILE B 141 6.45 -14.98 -32.82
C ILE B 141 6.37 -16.45 -33.20
N LYS B 142 6.82 -17.32 -32.30
CA LYS B 142 6.79 -18.76 -32.52
C LYS B 142 6.00 -19.44 -31.42
N VAL B 143 5.34 -20.54 -31.79
CA VAL B 143 4.57 -21.32 -30.82
C VAL B 143 5.52 -22.25 -30.07
N VAL B 144 5.46 -22.20 -28.74
CA VAL B 144 6.29 -23.06 -27.91
C VAL B 144 5.63 -24.44 -27.81
N ASP B 145 6.42 -25.49 -28.09
CA ASP B 145 5.90 -26.84 -28.02
C ASP B 145 5.45 -27.18 -26.61
N ARG B 146 4.27 -27.78 -26.49
CA ARG B 146 3.72 -28.11 -25.19
C ARG B 146 4.53 -29.16 -24.45
N ASP B 147 5.26 -30.01 -25.17
CA ASP B 147 6.10 -31.02 -24.53
C ASP B 147 7.53 -30.55 -24.30
N SER B 148 7.83 -29.29 -24.61
CA SER B 148 9.19 -28.79 -24.47
C SER B 148 9.56 -28.61 -23.00
N GLU B 149 10.84 -28.34 -22.77
CA GLU B 149 11.28 -27.97 -21.42
C GLU B 149 10.84 -26.55 -21.09
N GLU B 150 10.89 -25.65 -22.08
CA GLU B 150 10.41 -24.28 -21.89
C GLU B 150 8.98 -24.25 -21.37
N ALA B 151 8.08 -24.95 -22.05
CA ALA B 151 6.68 -24.95 -21.64
C ALA B 151 6.51 -25.50 -20.24
N GLU B 152 7.36 -26.44 -19.83
CA GLU B 152 7.25 -26.99 -18.48
C GLU B 152 7.60 -25.95 -17.43
N ILE B 153 8.71 -25.24 -17.63
CA ILE B 153 9.11 -24.20 -16.70
C ILE B 153 8.03 -23.13 -16.61
N ILE B 154 7.51 -22.71 -17.76
CA ILE B 154 6.51 -21.65 -17.79
C ILE B 154 5.21 -22.10 -17.13
N ARG B 155 4.78 -23.34 -17.42
CA ARG B 155 3.54 -23.84 -16.81
C ARG B 155 3.68 -23.97 -15.30
N LYS B 156 4.85 -24.41 -14.83
CA LYS B 156 5.08 -24.49 -13.39
C LYS B 156 5.10 -23.10 -12.76
N TYR B 157 5.73 -22.13 -13.43
CA TYR B 157 5.71 -20.75 -12.98
C TYR B 157 4.28 -20.25 -12.81
N VAL B 158 3.40 -20.58 -13.76
CA VAL B 158 2.01 -20.14 -13.68
C VAL B 158 1.29 -20.84 -12.54
N LYS B 159 1.49 -22.15 -12.41
CA LYS B 159 0.69 -22.92 -11.45
C LYS B 159 1.09 -22.64 -10.01
N ASN B 160 2.38 -22.40 -9.77
CA ASN B 160 2.84 -22.19 -8.40
C ASN B 160 2.52 -20.80 -7.86
N THR B 161 2.27 -19.82 -8.74
CA THR B 161 2.16 -18.43 -8.30
C THR B 161 0.76 -17.85 -8.52
N HIS B 162 -0.27 -18.69 -8.63
CA HIS B 162 -1.63 -18.19 -8.77
C HIS B 162 -2.61 -18.81 -7.77
N ALA B 163 -2.15 -19.69 -6.88
CA ALA B 163 -3.06 -20.34 -5.95
C ALA B 163 -3.69 -19.36 -4.97
N THR B 164 -2.98 -18.29 -4.62
CA THR B 164 -3.47 -17.37 -3.60
C THR B 164 -4.72 -16.63 -4.04
N THR B 165 -4.92 -16.46 -5.36
CA THR B 165 -6.10 -15.78 -5.89
C THR B 165 -7.15 -16.76 -6.40
N HIS B 166 -7.10 -18.02 -5.95
CA HIS B 166 -8.15 -18.97 -6.30
C HIS B 166 -9.53 -18.49 -5.84
N ASN B 167 -9.57 -17.67 -4.79
CA ASN B 167 -10.84 -17.11 -4.34
C ASN B 167 -11.49 -16.26 -5.41
N ALA B 168 -10.69 -15.63 -6.27
CA ALA B 168 -11.21 -14.74 -7.31
C ALA B 168 -11.35 -15.42 -8.67
N TYR B 169 -10.40 -16.27 -9.04
CA TYR B 169 -10.43 -16.90 -10.35
C TYR B 169 -9.41 -18.03 -10.39
N ASP B 170 -9.59 -18.92 -11.36
CA ASP B 170 -8.60 -19.92 -11.72
C ASP B 170 -8.04 -19.60 -13.09
N LEU B 171 -6.97 -20.30 -13.45
CA LEU B 171 -6.25 -20.01 -14.69
C LEU B 171 -5.94 -21.29 -15.44
N GLU B 172 -5.88 -21.17 -16.77
CA GLU B 172 -5.47 -22.26 -17.65
C GLU B 172 -4.64 -21.68 -18.77
N VAL B 173 -3.47 -22.26 -19.00
CA VAL B 173 -2.60 -21.80 -20.08
C VAL B 173 -3.11 -22.37 -21.40
N ILE B 174 -3.41 -21.50 -22.35
CA ILE B 174 -3.89 -21.91 -23.66
C ILE B 174 -2.71 -22.07 -24.60
N ASP B 175 -1.97 -20.99 -24.81
CA ASP B 175 -0.85 -21.00 -25.75
C ASP B 175 0.36 -20.31 -25.13
N ILE B 176 1.54 -20.81 -25.46
CA ILE B 176 2.81 -20.20 -25.08
C ILE B 176 3.54 -19.79 -26.34
N PHE B 177 3.93 -18.53 -26.42
CA PHE B 177 4.66 -18.00 -27.57
C PHE B 177 6.02 -17.48 -27.11
N LYS B 178 7.05 -17.76 -27.90
CA LYS B 178 8.34 -17.11 -27.73
C LYS B 178 8.38 -15.90 -28.67
N ILE B 179 8.61 -14.73 -28.10
CA ILE B 179 8.61 -13.49 -28.86
C ILE B 179 10.03 -12.93 -28.88
N GLU B 180 10.35 -12.26 -29.99
CA GLU B 180 11.69 -11.72 -30.20
C GLU B 180 11.53 -10.40 -30.95
N ARG B 181 11.51 -9.31 -30.20
CA ARG B 181 11.38 -7.99 -30.80
C ARG B 181 12.64 -7.64 -31.57
N GLU B 182 12.47 -7.08 -32.77
CA GLU B 182 13.60 -6.71 -33.60
C GLU B 182 14.45 -5.64 -32.92
N GLY B 183 15.72 -5.97 -32.67
CA GLY B 183 16.65 -5.04 -32.10
C GLY B 183 16.70 -5.01 -30.58
N GLU B 184 15.77 -5.69 -29.91
CA GLU B 184 15.73 -5.61 -28.45
C GLU B 184 16.88 -6.37 -27.81
N CYS B 185 17.27 -7.50 -28.40
CA CYS B 185 18.37 -8.28 -27.84
C CYS B 185 19.67 -7.48 -27.82
N GLN B 186 19.91 -6.67 -28.85
CA GLN B 186 21.08 -5.82 -28.88
C GLN B 186 20.96 -4.69 -27.86
N ARG B 187 19.78 -4.09 -27.74
CA ARG B 187 19.57 -3.02 -26.78
C ARG B 187 19.78 -3.50 -25.35
N TYR B 188 19.37 -4.73 -25.06
CA TYR B 188 19.48 -5.30 -23.72
C TYR B 188 20.84 -5.91 -23.44
N LYS B 189 21.64 -6.15 -24.47
CA LYS B 189 22.92 -6.85 -24.31
C LYS B 189 23.84 -6.25 -23.24
N PRO B 190 24.04 -4.92 -23.16
CA PRO B 190 24.91 -4.40 -22.09
C PRO B 190 24.48 -4.80 -20.70
N PHE B 191 23.17 -4.86 -20.44
CA PHE B 191 22.69 -5.15 -19.09
C PHE B 191 22.84 -6.62 -18.71
N LYS B 192 23.27 -7.48 -19.63
CA LYS B 192 23.62 -8.85 -19.24
C LYS B 192 24.87 -8.88 -18.39
N GLN B 193 25.61 -7.78 -18.30
CA GLN B 193 26.69 -7.65 -17.34
C GLN B 193 26.18 -7.35 -15.93
N LEU B 194 24.93 -6.90 -15.81
CA LEU B 194 24.37 -6.55 -14.52
C LEU B 194 23.93 -7.81 -13.77
N HIS B 195 24.23 -7.85 -12.47
CA HIS B 195 23.82 -8.95 -11.64
C HIS B 195 22.31 -8.89 -11.36
N ASN B 196 21.80 -9.96 -10.77
CA ASN B 196 20.40 -10.03 -10.33
C ASN B 196 19.43 -9.79 -11.49
N ARG B 197 19.47 -10.69 -12.47
CA ARG B 197 18.52 -10.70 -13.57
C ARG B 197 17.45 -11.75 -13.30
N ARG B 198 16.20 -11.42 -13.60
CA ARG B 198 15.09 -12.28 -13.25
C ARG B 198 14.08 -12.35 -14.41
N LEU B 199 13.40 -13.48 -14.50
CA LEU B 199 12.28 -13.66 -15.42
C LEU B 199 11.00 -13.34 -14.68
N LEU B 200 10.33 -12.26 -15.08
CA LEU B 200 9.20 -11.72 -14.34
C LEU B 200 8.00 -11.54 -15.26
N TRP B 201 6.84 -11.40 -14.64
CA TRP B 201 5.57 -11.28 -15.36
C TRP B 201 5.21 -9.82 -15.62
N HIS B 202 4.49 -9.60 -16.70
CA HIS B 202 3.87 -8.29 -16.96
C HIS B 202 2.54 -8.54 -17.65
N GLY B 203 1.45 -8.30 -16.93
CA GLY B 203 0.11 -8.41 -17.48
C GLY B 203 -0.43 -7.07 -17.91
N SER B 204 -1.24 -7.09 -18.96
CA SER B 204 -1.90 -5.89 -19.46
C SER B 204 -3.09 -6.32 -20.30
N ARG B 205 -3.95 -5.36 -20.62
CA ARG B 205 -5.08 -5.64 -21.49
C ARG B 205 -4.61 -6.06 -22.87
N THR B 206 -5.41 -6.90 -23.52
CA THR B 206 -5.08 -7.34 -24.88
C THR B 206 -4.95 -6.17 -25.84
N THR B 207 -5.65 -5.06 -25.57
CA THR B 207 -5.58 -3.86 -26.38
C THR B 207 -4.25 -3.12 -26.23
N ASN B 208 -3.34 -3.59 -25.38
CA ASN B 208 -2.06 -2.95 -25.19
C ASN B 208 -0.92 -3.63 -25.91
N PHE B 209 -1.11 -4.89 -26.35
CA PHE B 209 0.02 -5.70 -26.80
C PHE B 209 0.44 -5.39 -28.23
N ALA B 210 -0.41 -4.76 -29.03
CA ALA B 210 0.06 -4.26 -30.32
C ALA B 210 1.16 -3.23 -30.12
N GLY B 211 1.00 -2.36 -29.12
CA GLY B 211 2.05 -1.41 -28.81
C GLY B 211 3.22 -2.07 -28.10
N ILE B 212 2.95 -3.04 -27.22
CA ILE B 212 4.02 -3.72 -26.51
C ILE B 212 4.91 -4.47 -27.49
N LEU B 213 4.31 -5.23 -28.40
CA LEU B 213 5.13 -5.99 -29.36
C LEU B 213 5.81 -5.06 -30.35
N SER B 214 5.11 -4.02 -30.80
CA SER B 214 5.69 -3.14 -31.83
C SER B 214 6.81 -2.27 -31.25
N GLN B 215 6.62 -1.71 -30.06
CA GLN B 215 7.56 -0.75 -29.51
C GLN B 215 8.16 -1.17 -28.18
N GLY B 216 7.88 -2.36 -27.68
CA GLY B 216 8.41 -2.79 -26.40
C GLY B 216 7.69 -2.14 -25.24
N LEU B 217 8.00 -2.57 -24.02
CA LEU B 217 7.51 -1.87 -22.85
C LEU B 217 8.20 -0.52 -22.73
N ARG B 218 7.42 0.54 -22.57
CA ARG B 218 7.94 1.89 -22.49
C ARG B 218 7.61 2.50 -21.14
N ILE B 219 8.34 3.56 -20.81
CA ILE B 219 8.03 4.37 -19.64
C ILE B 219 7.09 5.48 -20.05
N ALA B 220 6.35 6.01 -19.07
CA ALA B 220 5.45 7.11 -19.33
C ALA B 220 6.22 8.31 -19.86
N PRO B 221 5.59 9.11 -20.73
CA PRO B 221 6.31 10.25 -21.34
C PRO B 221 6.67 11.28 -20.28
N PRO B 222 7.61 12.18 -20.59
CA PRO B 222 7.97 13.22 -19.61
C PRO B 222 6.80 14.11 -19.22
N GLU B 223 5.80 14.26 -20.11
CA GLU B 223 4.61 15.04 -19.79
C GLU B 223 3.73 14.37 -18.74
N ALA B 224 3.99 13.10 -18.41
CA ALA B 224 3.16 12.37 -17.45
C ALA B 224 3.51 12.77 -16.02
N PRO B 225 2.51 12.92 -15.15
CA PRO B 225 2.79 13.30 -13.75
C PRO B 225 3.34 12.11 -12.97
N VAL B 226 4.45 12.34 -12.28
CA VAL B 226 5.10 11.27 -11.53
C VAL B 226 4.18 10.76 -10.41
N THR B 227 3.32 11.62 -9.88
CA THR B 227 2.41 11.21 -8.82
C THR B 227 1.28 10.33 -9.31
N GLY B 228 1.11 10.20 -10.62
CA GLY B 228 0.14 9.27 -11.18
C GLY B 228 0.59 7.83 -11.21
N TYR B 229 1.75 7.52 -10.64
CA TYR B 229 2.30 6.18 -10.64
C TYR B 229 2.79 5.84 -9.24
N MET B 230 2.43 4.65 -8.75
CA MET B 230 2.69 4.31 -7.36
C MET B 230 4.18 4.22 -7.06
N PHE B 231 5.01 3.92 -8.06
CA PHE B 231 6.45 3.87 -7.86
C PHE B 231 7.20 4.67 -8.91
N GLY B 232 6.54 5.69 -9.47
CA GLY B 232 7.17 6.52 -10.48
C GLY B 232 6.97 5.99 -11.88
N LYS B 233 7.48 6.76 -12.84
CA LYS B 233 7.32 6.46 -14.27
C LYS B 233 8.37 5.43 -14.66
N GLY B 234 8.04 4.16 -14.46
CA GLY B 234 8.90 3.06 -14.86
C GLY B 234 8.12 1.93 -15.51
N ILE B 235 8.73 0.76 -15.61
CA ILE B 235 8.09 -0.42 -16.17
C ILE B 235 7.96 -1.45 -15.05
N TYR B 236 6.74 -1.95 -14.86
CA TYR B 236 6.37 -2.72 -13.67
C TYR B 236 6.29 -4.21 -13.98
N PHE B 237 6.77 -5.02 -13.03
CA PHE B 237 6.75 -6.47 -13.16
C PHE B 237 6.40 -7.09 -11.81
N ALA B 238 6.00 -8.36 -11.86
CA ALA B 238 5.74 -9.13 -10.66
C ALA B 238 6.37 -10.51 -10.81
N ASP B 239 6.63 -11.14 -9.66
CA ASP B 239 7.13 -12.51 -9.66
C ASP B 239 6.03 -13.54 -9.42
N MET B 240 4.77 -13.12 -9.42
CA MET B 240 3.65 -14.02 -9.22
C MET B 240 2.52 -13.64 -10.17
N VAL B 241 1.93 -14.66 -10.80
CA VAL B 241 0.87 -14.42 -11.78
C VAL B 241 -0.33 -13.74 -11.14
N SER B 242 -0.60 -14.06 -9.87
CA SER B 242 -1.72 -13.44 -9.15
C SER B 242 -1.68 -11.93 -9.21
N LYS B 243 -0.48 -11.35 -9.12
CA LYS B 243 -0.34 -9.90 -9.20
C LYS B 243 -0.51 -9.42 -10.65
N SER B 244 0.24 -10.01 -11.59
CA SER B 244 0.20 -9.53 -12.97
C SER B 244 -1.14 -9.79 -13.63
N ALA B 245 -1.81 -10.90 -13.28
CA ALA B 245 -3.08 -11.23 -13.95
C ALA B 245 -4.16 -10.20 -13.66
N ASN B 246 -4.08 -9.52 -12.51
CA ASN B 246 -5.07 -8.48 -12.20
C ASN B 246 -5.08 -7.35 -13.22
N TYR B 247 -3.96 -7.14 -13.92
CA TYR B 247 -3.86 -6.09 -14.92
C TYR B 247 -4.34 -6.54 -16.29
N CYS B 248 -4.72 -7.81 -16.44
CA CYS B 248 -5.36 -8.25 -17.68
C CYS B 248 -6.75 -7.65 -17.81
N HIS B 249 -7.42 -7.38 -16.70
CA HIS B 249 -8.79 -6.89 -16.69
C HIS B 249 -9.71 -7.81 -17.48
N THR B 250 -9.61 -9.10 -17.18
CA THR B 250 -10.50 -10.10 -17.75
C THR B 250 -11.76 -10.24 -16.89
N SER B 251 -12.79 -10.81 -17.49
CA SER B 251 -14.06 -11.04 -16.82
C SER B 251 -14.68 -12.31 -17.39
N GLN B 252 -15.82 -12.72 -16.82
CA GLN B 252 -16.49 -13.91 -17.31
C GLN B 252 -16.91 -13.76 -18.77
N GLY B 253 -17.31 -12.54 -19.16
CA GLY B 253 -17.62 -12.26 -20.55
C GLY B 253 -16.42 -12.04 -21.44
N ASP B 254 -15.23 -11.86 -20.86
CA ASP B 254 -13.99 -11.67 -21.60
C ASP B 254 -12.87 -12.39 -20.86
N PRO B 255 -12.87 -13.72 -20.89
CA PRO B 255 -11.99 -14.49 -20.01
C PRO B 255 -10.58 -14.75 -20.53
N ILE B 256 -10.27 -14.38 -21.76
CA ILE B 256 -8.97 -14.67 -22.36
C ILE B 256 -8.06 -13.47 -22.16
N GLY B 257 -6.95 -13.69 -21.47
CA GLY B 257 -6.01 -12.63 -21.20
C GLY B 257 -4.60 -12.93 -21.70
N LEU B 258 -3.77 -11.90 -21.81
CA LEU B 258 -2.40 -12.04 -22.27
C LEU B 258 -1.45 -11.54 -21.19
N ILE B 259 -0.45 -12.37 -20.86
CA ILE B 259 0.61 -11.99 -19.94
C ILE B 259 1.94 -12.39 -20.57
N LEU B 260 2.94 -11.53 -20.45
CA LEU B 260 4.25 -11.79 -21.02
C LEU B 260 5.25 -12.13 -19.92
N LEU B 261 6.27 -12.89 -20.32
CA LEU B 261 7.44 -13.14 -19.48
C LEU B 261 8.61 -12.37 -20.05
N GLY B 262 9.28 -11.60 -19.22
CA GLY B 262 10.42 -10.80 -19.66
C GLY B 262 11.60 -10.94 -18.73
N GLU B 263 12.80 -10.94 -19.31
CA GLU B 263 14.02 -10.91 -18.52
C GLU B 263 14.31 -9.46 -18.12
N VAL B 264 14.42 -9.21 -16.82
CA VAL B 264 14.60 -7.87 -16.29
C VAL B 264 15.93 -7.81 -15.57
N ALA B 265 16.75 -6.82 -15.94
CA ALA B 265 18.03 -6.58 -15.28
C ALA B 265 17.80 -5.66 -14.09
N LEU B 266 17.72 -6.24 -12.90
CA LEU B 266 17.38 -5.47 -11.71
C LEU B 266 18.61 -4.91 -11.01
N GLY B 267 19.67 -5.69 -10.88
CA GLY B 267 20.89 -5.20 -10.25
C GLY B 267 20.66 -4.92 -8.77
N ASN B 268 21.05 -3.72 -8.34
CA ASN B 268 20.84 -3.30 -6.97
C ASN B 268 19.46 -2.67 -6.84
N MET B 269 18.63 -3.23 -5.95
CA MET B 269 17.23 -2.88 -5.86
C MET B 269 17.01 -1.92 -4.69
N TYR B 270 16.36 -0.80 -4.97
CA TYR B 270 15.93 0.14 -3.93
C TYR B 270 14.64 -0.41 -3.34
N GLU B 271 14.74 -1.04 -2.17
CA GLU B 271 13.62 -1.75 -1.59
C GLU B 271 12.70 -0.80 -0.83
N LEU B 272 11.40 -0.86 -1.13
CA LEU B 272 10.40 0.00 -0.52
C LEU B 272 9.23 -0.84 -0.03
N LYS B 273 8.46 -0.26 0.90
CA LYS B 273 7.31 -0.93 1.50
C LYS B 273 6.02 -0.15 1.33
N HIS B 274 6.05 0.97 0.61
CA HIS B 274 4.86 1.73 0.32
C HIS B 274 5.12 2.57 -0.92
N ALA B 275 4.07 3.22 -1.42
CA ALA B 275 4.16 3.99 -2.64
C ALA B 275 5.18 5.12 -2.51
N SER B 276 5.98 5.29 -3.56
CA SER B 276 6.97 6.38 -3.62
C SER B 276 7.05 6.84 -5.06
N HIS B 277 6.57 8.05 -5.34
CA HIS B 277 6.55 8.59 -6.70
C HIS B 277 7.97 8.98 -7.09
N ILE B 278 8.76 7.97 -7.45
CA ILE B 278 10.18 8.16 -7.67
C ILE B 278 10.41 8.85 -9.02
N SER B 279 11.21 9.91 -9.01
CA SER B 279 11.70 10.53 -10.23
C SER B 279 13.19 10.33 -10.45
N LYS B 280 13.94 9.98 -9.42
CA LYS B 280 15.38 9.83 -9.50
C LYS B 280 15.80 8.68 -8.59
N LEU B 281 16.40 7.65 -9.17
CA LEU B 281 16.91 6.57 -8.34
C LEU B 281 18.27 6.97 -7.75
N PRO B 282 18.57 6.55 -6.52
CA PRO B 282 19.89 6.84 -5.95
C PRO B 282 20.99 6.18 -6.78
N LYS B 283 22.14 6.84 -6.83
CA LYS B 283 23.27 6.30 -7.56
C LYS B 283 23.71 4.98 -6.95
N GLY B 284 23.96 4.00 -7.82
CA GLY B 284 24.23 2.65 -7.39
C GLY B 284 23.00 1.76 -7.30
N LYS B 285 21.81 2.30 -7.56
CA LYS B 285 20.58 1.54 -7.57
C LYS B 285 20.04 1.49 -9.00
N HIS B 286 19.65 0.30 -9.45
CA HIS B 286 19.21 0.10 -10.82
C HIS B 286 17.73 -0.26 -10.94
N SER B 287 17.06 -0.56 -9.82
CA SER B 287 15.65 -0.94 -9.87
C SER B 287 15.03 -0.67 -8.51
N VAL B 288 13.70 -0.83 -8.45
CA VAL B 288 12.94 -0.74 -7.22
C VAL B 288 12.22 -2.06 -7.02
N LYS B 289 12.35 -2.62 -5.83
CA LYS B 289 11.58 -3.81 -5.46
C LYS B 289 10.58 -3.41 -4.38
N GLY B 290 9.29 -3.46 -4.74
CA GLY B 290 8.25 -3.35 -3.73
C GLY B 290 8.16 -4.66 -2.97
N LEU B 291 8.32 -4.60 -1.66
CA LEU B 291 8.32 -5.80 -0.83
C LEU B 291 6.89 -6.16 -0.45
N GLY B 292 6.45 -7.35 -0.87
CA GLY B 292 5.12 -7.82 -0.57
C GLY B 292 5.09 -8.83 0.57
N LYS B 293 3.87 -9.10 1.05
CA LYS B 293 3.68 -10.08 2.11
C LYS B 293 3.82 -11.50 1.60
N THR B 294 3.62 -11.73 0.31
CA THR B 294 3.71 -13.05 -0.31
C THR B 294 4.81 -13.03 -1.35
N THR B 295 5.64 -14.07 -1.33
CA THR B 295 6.77 -14.20 -2.25
C THR B 295 6.88 -15.66 -2.67
N PRO B 296 7.38 -15.91 -3.88
CA PRO B 296 7.65 -17.30 -4.27
C PRO B 296 8.68 -17.93 -3.34
N ASP B 297 8.43 -19.19 -2.98
CA ASP B 297 9.32 -19.92 -2.08
C ASP B 297 10.74 -19.91 -2.63
N PRO B 298 11.68 -19.21 -1.99
CA PRO B 298 13.04 -19.12 -2.55
C PRO B 298 13.75 -20.45 -2.64
N SER B 299 13.33 -21.46 -1.88
CA SER B 299 13.94 -22.79 -1.97
C SER B 299 13.69 -23.46 -3.31
N ALA B 300 12.79 -22.92 -4.14
CA ALA B 300 12.48 -23.49 -5.45
C ALA B 300 13.01 -22.65 -6.59
N ASN B 301 13.77 -21.59 -6.30
CA ASN B 301 14.32 -20.75 -7.36
CA ASN B 301 14.31 -20.75 -7.37
C ASN B 301 15.28 -21.54 -8.23
N ILE B 302 15.18 -21.33 -9.54
CA ILE B 302 16.10 -21.94 -10.50
C ILE B 302 16.74 -20.83 -11.31
N SER B 303 17.99 -21.04 -11.70
CA SER B 303 18.77 -20.04 -12.43
C SER B 303 19.15 -20.63 -13.79
N LEU B 304 18.74 -19.95 -14.85
CA LEU B 304 19.02 -20.36 -16.23
C LEU B 304 19.87 -19.28 -16.89
N ASP B 305 21.09 -19.63 -17.27
CA ASP B 305 22.01 -18.71 -17.95
C ASP B 305 22.21 -17.42 -17.14
N GLY B 306 22.30 -17.57 -15.82
CA GLY B 306 22.44 -16.42 -14.95
C GLY B 306 21.17 -15.63 -14.73
N VAL B 307 20.01 -16.17 -15.10
CA VAL B 307 18.73 -15.49 -14.94
C VAL B 307 17.91 -16.30 -13.94
N ASP B 308 17.48 -15.65 -12.87
CA ASP B 308 16.71 -16.32 -11.84
C ASP B 308 15.24 -16.41 -12.24
N VAL B 309 14.66 -17.58 -12.02
CA VAL B 309 13.24 -17.83 -12.25
C VAL B 309 12.61 -18.21 -10.93
N PRO B 310 11.96 -17.26 -10.24
CA PRO B 310 11.35 -17.55 -8.93
C PRO B 310 9.98 -18.19 -9.06
N LEU B 311 9.96 -19.48 -9.44
CA LEU B 311 8.72 -20.20 -9.67
C LEU B 311 8.24 -20.95 -8.44
N GLY B 312 8.72 -20.60 -7.25
CA GLY B 312 8.28 -21.28 -6.06
C GLY B 312 6.84 -20.94 -5.70
N THR B 313 6.18 -21.88 -5.02
CA THR B 313 4.84 -21.64 -4.53
C THR B 313 4.84 -20.47 -3.54
N GLY B 314 3.79 -19.66 -3.60
CA GLY B 314 3.67 -18.50 -2.74
C GLY B 314 3.66 -18.84 -1.27
N ILE B 315 4.58 -18.23 -0.51
CA ILE B 315 4.64 -18.38 0.94
C ILE B 315 4.80 -17.00 1.56
N SER B 316 4.61 -16.95 2.88
CA SER B 316 4.78 -15.70 3.61
C SER B 316 6.22 -15.20 3.46
N SER B 317 6.37 -13.92 3.14
CA SER B 317 7.69 -13.33 2.99
C SER B 317 8.34 -13.01 4.33
N GLY B 318 7.55 -12.93 5.40
CA GLY B 318 8.05 -12.49 6.68
C GLY B 318 8.30 -11.00 6.78
N VAL B 319 7.98 -10.23 5.75
CA VAL B 319 8.19 -8.79 5.75
C VAL B 319 7.08 -8.13 6.56
N ASN B 320 7.46 -7.48 7.65
CA ASN B 320 6.52 -6.76 8.49
C ASN B 320 6.38 -5.32 8.04
N ASP B 321 5.19 -4.75 8.25
CA ASP B 321 4.90 -3.35 7.95
C ASP B 321 5.14 -3.03 6.47
N THR B 322 4.38 -3.70 5.61
CA THR B 322 4.39 -3.40 4.19
C THR B 322 2.96 -3.30 3.68
N SER B 323 2.72 -2.31 2.83
CA SER B 323 1.40 -2.08 2.26
C SER B 323 1.15 -2.88 0.99
N LEU B 324 2.09 -3.74 0.60
CA LEU B 324 2.00 -4.48 -0.65
C LEU B 324 1.73 -5.96 -0.36
N LEU B 325 0.79 -6.53 -1.11
CA LEU B 325 0.49 -7.96 -0.95
C LEU B 325 1.49 -8.82 -1.71
N TYR B 326 1.97 -8.36 -2.85
CA TYR B 326 2.92 -9.11 -3.67
C TYR B 326 4.14 -8.26 -3.97
N ASN B 327 5.22 -8.92 -4.37
CA ASN B 327 6.42 -8.21 -4.79
C ASN B 327 6.15 -7.44 -6.07
N GLU B 328 6.77 -6.26 -6.19
CA GLU B 328 6.73 -5.47 -7.41
C GLU B 328 8.16 -5.13 -7.81
N TYR B 329 8.41 -5.09 -9.12
CA TYR B 329 9.73 -4.75 -9.64
C TYR B 329 9.57 -3.66 -10.69
N ILE B 330 10.35 -2.60 -10.56
CA ILE B 330 10.23 -1.43 -11.45
C ILE B 330 11.63 -1.03 -11.90
N VAL B 331 11.80 -0.89 -13.21
CA VAL B 331 13.00 -0.32 -13.79
C VAL B 331 12.61 0.91 -14.60
N TYR B 332 13.56 1.83 -14.74
CA TYR B 332 13.28 3.13 -15.33
C TYR B 332 14.09 3.38 -16.60
N ASP B 333 14.69 2.34 -17.16
CA ASP B 333 15.36 2.39 -18.45
C ASP B 333 14.77 1.29 -19.32
N ILE B 334 14.16 1.68 -20.45
CA ILE B 334 13.50 0.71 -21.32
C ILE B 334 14.46 -0.37 -21.79
N ALA B 335 15.77 -0.09 -21.80
CA ALA B 335 16.77 -1.05 -22.24
C ALA B 335 17.03 -2.15 -21.22
N GLN B 336 16.51 -2.03 -20.00
CA GLN B 336 16.73 -3.05 -18.97
C GLN B 336 15.78 -4.24 -19.13
N VAL B 337 14.90 -4.24 -20.13
CA VAL B 337 13.88 -5.26 -20.30
C VAL B 337 14.11 -6.00 -21.61
N ASN B 338 14.07 -7.33 -21.56
CA ASN B 338 14.16 -8.18 -22.75
C ASN B 338 12.96 -9.12 -22.72
N LEU B 339 11.97 -8.85 -23.57
CA LEU B 339 10.77 -9.68 -23.62
C LEU B 339 11.11 -11.06 -24.18
N LYS B 340 10.62 -12.11 -23.51
CA LYS B 340 10.94 -13.48 -23.89
C LYS B 340 9.72 -14.27 -24.34
N TYR B 341 8.66 -14.31 -23.54
CA TYR B 341 7.51 -15.15 -23.84
C TYR B 341 6.22 -14.34 -23.69
N LEU B 342 5.19 -14.81 -24.40
CA LEU B 342 3.84 -14.27 -24.31
C LEU B 342 2.88 -15.45 -24.12
N LEU B 343 1.98 -15.32 -23.15
CA LEU B 343 1.07 -16.39 -22.79
C LEU B 343 -0.37 -15.99 -23.04
N LYS B 344 -1.14 -16.90 -23.64
CA LYS B 344 -2.58 -16.76 -23.78
C LYS B 344 -3.22 -17.56 -22.65
N LEU B 345 -3.94 -16.86 -21.77
CA LEU B 345 -4.49 -17.47 -20.55
C LEU B 345 -6.01 -17.36 -20.56
N LYS B 346 -6.67 -18.44 -20.15
CA LYS B 346 -8.12 -18.48 -19.99
C LYS B 346 -8.44 -18.39 -18.50
N PHE B 347 -9.20 -17.37 -18.11
CA PHE B 347 -9.58 -17.17 -16.72
C PHE B 347 -10.92 -17.84 -16.45
N ASN B 348 -10.96 -18.66 -15.40
CA ASN B 348 -12.18 -19.36 -14.97
C ASN B 348 -12.61 -18.74 -13.65
N PHE B 349 -13.58 -17.82 -13.70
CA PHE B 349 -13.99 -17.09 -12.52
C PHE B 349 -14.97 -17.92 -11.68
N LYS B 350 -14.87 -17.77 -10.36
CA LYS B 350 -15.72 -18.53 -9.45
C LYS B 350 -17.13 -17.96 -9.38
N THR B 351 -17.25 -16.64 -9.44
CA THR B 351 -18.55 -15.98 -9.36
C THR B 351 -19.34 -16.15 -10.65
NI NI C . 0.56 9.94 -4.32
NI NI D . 8.04 6.86 1.85
NI NI E . 4.29 -4.49 14.14
NI NI F . -14.99 -13.89 16.08
C1 EDO G . -13.03 -8.76 37.31
O1 EDO G . -12.39 -9.76 38.13
C2 EDO G . -14.51 -8.67 37.66
O2 EDO G . -14.65 -8.25 39.02
C1 EDO H . 2.11 -1.77 39.18
O1 EDO H . 1.31 -2.87 39.65
C2 EDO H . 1.33 -0.49 39.37
O2 EDO H . 0.91 -0.38 40.73
C1 EDO I . 25.45 -1.66 17.72
O1 EDO I . 24.47 -2.63 17.30
C2 EDO I . 24.85 -0.81 18.84
O2 EDO I . 25.82 0.14 19.31
C1 EDO J . -20.77 20.89 6.28
O1 EDO J . -22.06 20.33 6.57
C2 EDO J . -20.53 20.86 4.78
O2 EDO J . -20.69 19.51 4.29
C1 EDO K . -12.54 -3.35 45.43
O1 EDO K . -12.99 -4.62 44.95
C2 EDO K . -13.70 -2.59 46.07
O2 EDO K . -14.73 -2.38 45.09
C1 EDO L . 15.99 18.14 12.40
O1 EDO L . 16.70 17.77 11.22
C2 EDO L . 14.61 18.66 12.02
O2 EDO L . 13.90 19.05 13.22
C2 O3H M . -4.93 2.19 12.81
C3 O3H M . -4.65 2.47 11.48
C4 O3H M . -3.37 2.85 11.10
C5 O3H M . -2.36 2.97 12.05
C6 O3H M . -2.64 2.70 13.39
C7 O3H M . -1.88 2.55 15.60
C10 O3H M . 3.03 4.47 18.56
C11 O3H M . 1.96 5.67 16.98
C12 O3H M . 1.71 6.86 17.88
C14 O3H M . 2.72 9.21 19.03
C16 O3H M . 4.46 9.12 21.17
C18 O3H M . 2.08 3.35 16.71
C19 O3H M . 0.85 3.19 15.80
C1 O3H M . -3.92 2.31 13.76
C13 O3H M . 3.19 10.39 19.59
C15 O3H M . 3.14 7.98 19.54
C17 O3H M . 4.06 10.35 20.67
C8 O3H M . -4.19 2.04 15.10
C9 O3H M . 2.88 5.52 19.64
N1 O3H M . -1.66 2.80 14.30
N2 O3H M . -3.16 2.17 16.03
N3 O3H M . 1.82 4.40 17.71
N4 O3H M . 2.68 6.85 19.00
N5 O3H M . 3.98 7.93 20.59
O1 O3H M . -5.31 1.70 15.48
S1 O3H M . -0.61 2.71 16.79
NI NI N . -7.92 -1.93 -12.90
NI NI O . -5.26 -23.21 -10.14
C1 EDO P . 26.32 -2.08 -17.54
O1 EDO P . 25.90 -2.85 -16.40
C2 EDO P . 25.55 -0.77 -17.58
O2 EDO P . 25.77 -0.05 -16.36
C1 EDO Q . -17.91 0.94 -15.73
O1 EDO Q . -17.02 0.36 -16.69
C2 EDO Q . -19.20 0.14 -15.69
O2 EDO Q . -18.91 -1.24 -15.45
C2 O3H R . 2.73 -5.73 -11.96
C3 O3H R . 2.96 -5.03 -10.78
C4 O3H R . 2.59 -3.70 -10.67
C5 O3H R . 2.01 -3.05 -11.75
C6 O3H R . 1.79 -3.74 -12.94
C7 O3H R . 0.99 -3.72 -15.14
C10 O3H R . -0.55 0.55 -19.11
C11 O3H R . 1.24 0.72 -17.75
C12 O3H R . 2.23 0.91 -18.89
C14 O3H R . 3.41 2.68 -20.72
C16 O3H R . 2.06 3.50 -22.98
C18 O3H R . -0.68 -0.34 -16.93
C19 O3H R . -0.02 -1.22 -15.86
C1 O3H R . 2.15 -5.07 -13.04
C13 O3H R . 4.03 3.55 -21.61
C15 O3H R . 2.10 2.25 -20.95
C17 O3H R . 3.35 3.97 -22.75
C8 O3H R . 1.93 -5.76 -14.23
C9 O3H R . 0.25 0.71 -20.40
N1 O3H R . 1.22 -3.09 -13.99
N2 O3H R . 1.35 -5.08 -15.30
N3 O3H R . 0.19 -0.25 -18.12
N4 O3H R . 1.52 1.40 -20.10
N5 O3H R . 1.45 2.64 -22.06
O1 O3H R . 2.24 -6.94 -14.35
S1 O3H R . 0.27 -2.90 -16.50
#